data_2CLV
#
_entry.id   2CLV
#
_cell.length_a   67.146
_cell.length_b   90.461
_cell.length_c   89.032
_cell.angle_alpha   90.00
_cell.angle_beta   111.02
_cell.angle_gamma   90.00
#
_symmetry.space_group_name_H-M   'P 1 21 1'
#
loop_
_entity.id
_entity.type
_entity.pdbx_description
1 polymer 'H-2 CLASS I HISTOCOMPATIBILITY ANTIGEN, K-B ALPHA CHAIN'
2 polymer 'BETA-2 MICROGLOBULIN'
3 polymer 'RBM5 PROTEIN'
4 water water
#
loop_
_entity_poly.entity_id
_entity_poly.type
_entity_poly.pdbx_seq_one_letter_code
_entity_poly.pdbx_strand_id
1 'polypeptide(L)'
;GPHSLRYFVTAVSRPGLGEPRFISVGYVDNTEFVRFDSDAENPRYEPRARWMEQEGPEYWERETQKAKGNEQSFRVDLRT
LLGYYNQSKGGSHTIQVISGCEVGSDGRLLRGYQQYAYDGCDYIALNEDLKTWTAADMAALITKHKWEQAGEAERLRAYL
EGTCVEWLRRYLKNGNATLLRTDSPKAHVTHHSRPEDKVTLRCWALGFYPADITLTWQLNGEELIQDMELVETRPAGDGT
FQKWASVVVPLGKEQYYTCHVYHQGLPEPLTLRWEPPPS
;
A,H
2 'polypeptide(L)'
;IQKTPQIQVYSRHPPENGKPNILNCYVTQFHPPHIEIQMLKNGKKIPKVEMSDMSFSKDWSFYILAHTEFTPTETDTYAC
RVKHDSMAEPKTVYWDRDM
;
B,P
3 'polypeptide(L)' SQYYYNSL C,M
#
# COMPACT_ATOMS: atom_id res chain seq x y z
N GLY A 1 21.72 -2.39 17.24
CA GLY A 1 22.91 -2.67 16.40
C GLY A 1 23.17 -1.58 15.38
N PRO A 2 23.99 -1.87 14.35
CA PRO A 2 24.36 -0.85 13.36
C PRO A 2 23.30 -0.58 12.28
N HIS A 3 23.36 0.62 11.71
CA HIS A 3 22.43 1.04 10.64
C HIS A 3 23.19 1.79 9.53
N SER A 4 22.56 1.97 8.37
CA SER A 4 23.22 2.65 7.27
C SER A 4 22.24 3.36 6.34
N LEU A 5 22.75 4.40 5.68
CA LEU A 5 22.01 5.13 4.67
C LEU A 5 22.97 5.29 3.51
N ARG A 6 22.60 4.74 2.36
CA ARG A 6 23.46 4.72 1.18
C ARG A 6 22.65 5.13 -0.04
N TYR A 7 23.28 5.83 -0.98
CA TYR A 7 22.65 6.08 -2.28
C TYR A 7 23.53 5.44 -3.35
N PHE A 8 22.90 4.71 -4.26
CA PHE A 8 23.59 4.11 -5.41
C PHE A 8 23.11 4.86 -6.63
N VAL A 9 24.05 5.46 -7.35
CA VAL A 9 23.70 6.40 -8.42
C VAL A 9 24.30 5.89 -9.72
N THR A 10 23.52 5.97 -10.80
CA THR A 10 23.98 5.52 -12.12
C THR A 10 23.62 6.59 -13.17
N ALA A 11 24.59 6.94 -14.01
CA ALA A 11 24.34 7.74 -15.19
C ALA A 11 24.94 7.04 -16.39
N VAL A 12 24.11 6.83 -17.42
CA VAL A 12 24.51 6.08 -18.60
C VAL A 12 24.21 6.89 -19.85
N SER A 13 25.25 7.19 -20.63
CA SER A 13 25.09 7.88 -21.89
C SER A 13 24.54 6.92 -22.96
N ARG A 14 23.79 7.46 -23.90
CA ARG A 14 23.11 6.68 -24.92
C ARG A 14 23.13 7.50 -26.21
N PRO A 15 24.32 7.74 -26.80
CA PRO A 15 24.35 8.51 -28.06
C PRO A 15 23.39 7.93 -29.10
N GLY A 16 22.57 8.80 -29.69
CA GLY A 16 21.61 8.38 -30.71
C GLY A 16 20.35 7.73 -30.17
N LEU A 17 20.23 7.69 -28.84
CA LEU A 17 19.07 7.10 -28.17
C LEU A 17 18.48 8.09 -27.16
N GLY A 18 18.90 9.34 -27.25
CA GLY A 18 18.42 10.40 -26.37
C GLY A 18 19.39 10.85 -25.29
N GLU A 19 18.83 11.50 -24.27
CA GLU A 19 19.60 12.03 -23.15
C GLU A 19 20.09 10.88 -22.25
N PRO A 20 21.19 11.11 -21.52
CA PRO A 20 21.68 10.06 -20.60
C PRO A 20 20.63 9.69 -19.56
N ARG A 21 20.64 8.43 -19.15
CA ARG A 21 19.75 8.00 -18.10
C ARG A 21 20.42 8.18 -16.75
N PHE A 22 19.69 8.78 -15.81
CA PHE A 22 20.18 9.03 -14.48
C PHE A 22 19.23 8.37 -13.49
N ILE A 23 19.77 7.46 -12.67
CA ILE A 23 18.99 6.75 -11.65
C ILE A 23 19.68 6.90 -10.29
N SER A 24 18.90 7.24 -9.28
CA SER A 24 19.41 7.33 -7.92
C SER A 24 18.48 6.54 -7.01
N VAL A 25 19.09 5.64 -6.24
CA VAL A 25 18.36 4.73 -5.39
C VAL A 25 18.92 4.87 -3.98
N GLY A 26 18.04 5.13 -3.03
CA GLY A 26 18.45 5.24 -1.64
C GLY A 26 18.13 3.95 -0.89
N TYR A 27 18.99 3.60 0.07
CA TYR A 27 18.82 2.39 0.87
C TYR A 27 18.99 2.72 2.34
N VAL A 28 18.06 2.24 3.18
CA VAL A 28 18.20 2.26 4.64
C VAL A 28 18.42 0.81 5.09
N ASP A 29 19.47 0.60 5.89
CA ASP A 29 19.90 -0.75 6.31
C ASP A 29 19.80 -1.75 5.16
N ASN A 30 20.32 -1.33 4.00
CA ASN A 30 20.36 -2.16 2.80
C ASN A 30 18.99 -2.42 2.11
N THR A 31 17.97 -1.68 2.51
CA THR A 31 16.63 -1.82 1.94
C THR A 31 16.27 -0.56 1.11
N GLU A 32 15.83 -0.77 -0.13
CA GLU A 32 15.44 0.35 -1.01
C GLU A 32 14.28 1.15 -0.42
N PHE A 33 14.44 2.46 -0.28
CA PHE A 33 13.39 3.32 0.32
C PHE A 33 12.96 4.52 -0.54
N VAL A 34 13.84 4.95 -1.45
CA VAL A 34 13.52 6.02 -2.41
C VAL A 34 14.18 5.71 -3.77
N ARG A 35 13.55 6.14 -4.86
CA ARG A 35 14.14 6.00 -6.20
C ARG A 35 13.80 7.17 -7.13
N PHE A 36 14.81 7.66 -7.85
CA PHE A 36 14.60 8.63 -8.91
C PHE A 36 15.10 8.03 -10.22
N ASP A 37 14.33 8.20 -11.30
CA ASP A 37 14.71 7.66 -12.60
C ASP A 37 14.35 8.70 -13.65
N SER A 38 15.37 9.16 -14.37
CA SER A 38 15.19 10.24 -15.35
C SER A 38 14.32 9.83 -16.54
N ASP A 39 14.07 8.53 -16.68
CA ASP A 39 13.31 8.04 -17.83
C ASP A 39 11.80 8.01 -17.64
N ALA A 40 11.34 8.33 -16.43
CA ALA A 40 9.92 8.54 -16.17
C ALA A 40 9.43 9.79 -16.92
N GLU A 41 8.13 9.83 -17.26
CA GLU A 41 7.55 11.00 -17.94
C GLU A 41 7.80 12.27 -17.11
N ASN A 42 7.47 12.19 -15.82
CA ASN A 42 7.80 13.25 -14.86
C ASN A 42 8.76 12.71 -13.78
N PRO A 43 10.07 12.85 -14.03
CA PRO A 43 11.07 12.36 -13.08
C PRO A 43 10.99 13.01 -11.69
N ARG A 44 10.92 12.17 -10.65
CA ARG A 44 10.78 12.61 -9.26
C ARG A 44 11.22 11.49 -8.34
N TYR A 45 11.79 11.82 -7.18
CA TYR A 45 12.01 10.79 -6.17
C TYR A 45 10.66 10.26 -5.74
N GLU A 46 10.56 8.94 -5.63
CA GLU A 46 9.33 8.30 -5.18
C GLU A 46 9.62 7.41 -3.98
N PRO A 47 8.66 7.29 -3.05
CA PRO A 47 8.84 6.35 -1.94
C PRO A 47 8.85 4.90 -2.45
N ARG A 48 9.71 4.08 -1.87
CA ARG A 48 9.78 2.68 -2.26
C ARG A 48 9.49 1.77 -1.07
N ALA A 49 9.27 2.40 0.07
CA ALA A 49 8.76 1.75 1.27
C ALA A 49 7.57 2.57 1.77
N ARG A 50 6.57 1.89 2.30
CA ARG A 50 5.32 2.52 2.75
C ARG A 50 5.56 3.59 3.81
N TRP A 51 6.51 3.33 4.72
CA TRP A 51 6.82 4.27 5.79
C TRP A 51 7.41 5.61 5.34
N MET A 52 7.83 5.68 4.08
CA MET A 52 8.28 6.95 3.49
C MET A 52 7.12 7.83 3.04
N GLU A 53 5.94 7.24 2.89
CA GLU A 53 4.74 7.99 2.49
C GLU A 53 4.44 9.18 3.41
N GLN A 54 4.94 9.10 4.64
CA GLN A 54 4.82 10.15 5.66
C GLN A 54 5.47 11.49 5.30
N GLU A 55 6.57 11.45 4.55
CA GLU A 55 7.29 12.69 4.24
C GLU A 55 6.42 13.58 3.37
N GLY A 56 6.33 14.85 3.76
CA GLY A 56 5.53 15.83 3.04
C GLY A 56 6.13 16.29 1.73
N PRO A 57 5.38 17.13 0.98
CA PRO A 57 5.79 17.53 -0.36
C PRO A 57 7.11 18.33 -0.40
N GLU A 58 7.41 19.10 0.64
CA GLU A 58 8.67 19.86 0.69
C GLU A 58 9.90 18.93 0.67
N TYR A 59 9.79 17.77 1.30
CA TYR A 59 10.87 16.78 1.25
C TYR A 59 11.08 16.27 -0.18
N TRP A 60 9.99 15.80 -0.79
CA TRP A 60 10.06 15.21 -2.13
C TRP A 60 10.53 16.21 -3.17
N GLU A 61 10.15 17.47 -3.00
CA GLU A 61 10.58 18.55 -3.91
C GLU A 61 12.09 18.81 -3.79
N ARG A 62 12.56 18.96 -2.55
CA ARG A 62 13.98 19.19 -2.27
C ARG A 62 14.87 18.07 -2.79
N GLU A 63 14.44 16.83 -2.54
CA GLU A 63 15.15 15.65 -3.01
C GLU A 63 15.16 15.59 -4.54
N THR A 64 13.99 15.80 -5.15
CA THR A 64 13.86 15.79 -6.61
C THR A 64 14.70 16.88 -7.29
N GLN A 65 14.78 18.06 -6.67
CA GLN A 65 15.61 19.14 -7.21
C GLN A 65 17.09 18.76 -7.21
N LYS A 66 17.54 18.07 -6.15
CA LYS A 66 18.93 17.58 -6.13
C LYS A 66 19.18 16.55 -7.22
N ALA A 67 18.25 15.62 -7.42
CA ALA A 67 18.36 14.60 -8.46
C ALA A 67 18.40 15.19 -9.88
N LYS A 68 17.46 16.08 -10.20
CA LYS A 68 17.43 16.75 -11.52
C LYS A 68 18.69 17.56 -11.75
N GLY A 69 19.17 18.24 -10.69
CA GLY A 69 20.39 19.02 -10.76
C GLY A 69 21.59 18.13 -11.08
N ASN A 70 21.72 17.02 -10.35
CA ASN A 70 22.80 16.07 -10.61
C ASN A 70 22.63 15.25 -11.88
N GLU A 71 21.39 15.04 -12.31
CA GLU A 71 21.18 14.42 -13.63
C GLU A 71 21.93 15.23 -14.69
N GLN A 72 21.77 16.55 -14.62
CA GLN A 72 22.36 17.43 -15.61
C GLN A 72 23.86 17.56 -15.39
N SER A 73 24.29 17.61 -14.13
CA SER A 73 25.72 17.67 -13.85
C SER A 73 26.47 16.39 -14.24
N PHE A 74 25.83 15.23 -14.05
CA PHE A 74 26.38 13.93 -14.51
C PHE A 74 26.41 13.80 -16.04
N ARG A 75 25.45 14.42 -16.73
CA ARG A 75 25.48 14.49 -18.19
C ARG A 75 26.75 15.18 -18.67
N VAL A 76 27.08 16.31 -18.05
CA VAL A 76 28.33 17.02 -18.31
C VAL A 76 29.56 16.18 -17.94
N ASP A 77 29.52 15.51 -16.77
CA ASP A 77 30.61 14.64 -16.31
C ASP A 77 30.94 13.57 -17.34
N LEU A 78 29.91 12.99 -17.96
CA LEU A 78 30.10 11.97 -18.98
C LEU A 78 30.90 12.53 -20.17
N ARG A 79 30.54 13.74 -20.60
CA ARG A 79 31.32 14.44 -21.63
C ARG A 79 32.73 14.76 -21.14
N THR A 80 32.85 15.23 -19.90
CA THR A 80 34.14 15.53 -19.31
C THR A 80 35.09 14.32 -19.36
N LEU A 81 34.57 13.14 -19.01
CA LEU A 81 35.34 11.90 -19.01
C LEU A 81 35.72 11.40 -20.40
N LEU A 82 34.86 11.64 -21.38
CA LEU A 82 35.22 11.36 -22.79
C LEU A 82 36.51 12.09 -23.17
N GLY A 83 36.66 13.33 -22.69
CA GLY A 83 37.88 14.12 -22.87
C GLY A 83 39.08 13.61 -22.09
N TYR A 84 38.88 13.34 -20.80
CA TYR A 84 39.93 12.80 -19.94
C TYR A 84 40.54 11.53 -20.51
N TYR A 85 39.68 10.65 -21.04
CA TYR A 85 40.12 9.35 -21.57
C TYR A 85 40.33 9.34 -23.09
N ASN A 86 40.10 10.48 -23.74
CA ASN A 86 40.23 10.58 -25.20
C ASN A 86 39.38 9.54 -25.96
N GLN A 87 38.11 9.45 -25.59
CA GLN A 87 37.16 8.51 -26.18
C GLN A 87 36.22 9.21 -27.16
N SER A 88 35.62 8.46 -28.08
CA SER A 88 34.70 9.02 -29.08
C SER A 88 33.33 9.35 -28.49
N LYS A 89 32.57 10.18 -29.21
CA LYS A 89 31.23 10.58 -28.75
C LYS A 89 30.14 9.55 -29.07
N GLY A 90 30.52 8.49 -29.78
CA GLY A 90 29.56 7.50 -30.27
C GLY A 90 29.24 6.32 -29.36
N GLY A 91 30.05 6.12 -28.32
CA GLY A 91 29.87 4.95 -27.43
C GLY A 91 29.06 5.25 -26.18
N SER A 92 28.45 4.20 -25.60
CA SER A 92 27.79 4.33 -24.30
C SER A 92 28.77 4.12 -23.15
N HIS A 93 28.70 5.01 -22.16
CA HIS A 93 29.57 4.93 -20.97
C HIS A 93 28.77 5.10 -19.68
N THR A 94 29.32 4.61 -18.57
CA THR A 94 28.59 4.66 -17.30
C THR A 94 29.41 5.31 -16.21
N ILE A 95 28.76 6.14 -15.41
CA ILE A 95 29.34 6.58 -14.15
C ILE A 95 28.47 6.00 -13.03
N GLN A 96 29.11 5.39 -12.03
CA GLN A 96 28.40 4.85 -10.88
C GLN A 96 29.02 5.44 -9.63
N VAL A 97 28.18 5.62 -8.60
CA VAL A 97 28.62 6.16 -7.33
C VAL A 97 27.88 5.41 -6.22
N ILE A 98 28.62 5.11 -5.15
CA ILE A 98 28.04 4.62 -3.90
C ILE A 98 28.44 5.62 -2.83
N SER A 99 27.45 6.18 -2.12
CA SER A 99 27.69 7.19 -1.09
C SER A 99 26.94 6.85 0.18
N GLY A 100 27.53 7.15 1.34
CA GLY A 100 26.74 7.10 2.56
C GLY A 100 27.50 6.80 3.82
N CYS A 101 26.74 6.49 4.86
CA CYS A 101 27.22 6.38 6.23
C CYS A 101 26.75 5.08 6.84
N GLU A 102 27.65 4.38 7.52
CA GLU A 102 27.24 3.35 8.45
C GLU A 102 27.46 3.86 9.88
N VAL A 103 26.43 3.73 10.71
CA VAL A 103 26.47 4.19 12.09
C VAL A 103 26.31 3.02 13.05
N GLY A 104 27.07 3.04 14.16
CA GLY A 104 26.94 2.01 15.16
C GLY A 104 25.72 2.23 16.03
N SER A 105 25.48 1.27 16.92
CA SER A 105 24.41 1.32 17.90
C SER A 105 24.50 2.57 18.80
N ASP A 106 25.71 3.11 18.96
CA ASP A 106 25.94 4.31 19.78
C ASP A 106 25.73 5.62 19.00
N GLY A 107 25.32 5.51 17.75
CA GLY A 107 25.06 6.68 16.91
C GLY A 107 26.31 7.33 16.37
N ARG A 108 27.47 6.71 16.57
CA ARG A 108 28.69 7.20 15.95
C ARG A 108 28.94 6.58 14.58
N LEU A 109 29.55 7.36 13.69
CA LEU A 109 29.93 6.91 12.36
C LEU A 109 30.98 5.80 12.45
N LEU A 110 30.65 4.64 11.87
CA LEU A 110 31.59 3.53 11.77
C LEU A 110 32.39 3.63 10.49
N ARG A 111 31.71 4.02 9.41
CA ARG A 111 32.33 4.14 8.11
C ARG A 111 31.51 5.10 7.26
N GLY A 112 32.19 6.03 6.59
CA GLY A 112 31.57 6.93 5.63
C GLY A 112 32.23 6.67 4.30
N TYR A 113 31.45 6.54 3.24
CA TYR A 113 32.04 6.27 1.94
C TYR A 113 31.48 7.09 0.79
N GLN A 114 32.31 7.25 -0.23
CA GLN A 114 31.97 7.96 -1.45
C GLN A 114 32.92 7.36 -2.49
N GLN A 115 32.39 6.43 -3.28
CA GLN A 115 33.14 5.62 -4.24
C GLN A 115 32.57 5.83 -5.66
N TYR A 116 33.43 6.15 -6.61
CA TYR A 116 33.01 6.35 -8.00
C TYR A 116 33.60 5.27 -8.89
N ALA A 117 32.84 4.91 -9.92
CA ALA A 117 33.35 4.06 -10.99
C ALA A 117 33.01 4.66 -12.34
N TYR A 118 33.91 4.46 -13.30
CA TYR A 118 33.65 4.78 -14.70
C TYR A 118 33.77 3.50 -15.49
N ASP A 119 32.71 3.18 -16.24
CA ASP A 119 32.63 1.96 -17.04
C ASP A 119 32.92 0.69 -16.20
N GLY A 120 32.47 0.70 -14.96
CA GLY A 120 32.54 -0.45 -14.08
C GLY A 120 33.86 -0.67 -13.37
N CYS A 121 34.75 0.31 -13.44
CA CYS A 121 36.06 0.22 -12.79
C CYS A 121 36.25 1.40 -11.87
N ASP A 122 36.91 1.16 -10.74
CA ASP A 122 37.18 2.21 -9.76
C ASP A 122 37.74 3.46 -10.43
N TYR A 123 37.21 4.60 -10.02
CA TYR A 123 37.66 5.89 -10.53
C TYR A 123 38.32 6.69 -9.39
N ILE A 124 37.52 7.09 -8.41
CA ILE A 124 38.01 7.87 -7.26
C ILE A 124 37.21 7.47 -6.01
N ALA A 125 37.81 7.58 -4.83
CA ALA A 125 37.13 7.26 -3.58
C ALA A 125 37.63 8.14 -2.45
N LEU A 126 36.74 8.46 -1.51
CA LEU A 126 37.13 9.15 -0.30
C LEU A 126 37.79 8.14 0.65
N ASN A 127 38.95 8.51 1.19
CA ASN A 127 39.66 7.64 2.12
C ASN A 127 38.97 7.54 3.47
N GLU A 128 39.35 6.50 4.23
CA GLU A 128 38.78 6.21 5.55
C GLU A 128 38.88 7.40 6.50
N ASP A 129 39.89 8.25 6.31
CA ASP A 129 40.10 9.47 7.11
C ASP A 129 39.03 10.54 6.86
N LEU A 130 38.24 10.35 5.81
CA LEU A 130 37.22 11.31 5.37
C LEU A 130 37.81 12.69 5.00
N LYS A 131 39.10 12.71 4.65
CA LYS A 131 39.83 13.95 4.37
C LYS A 131 40.56 13.94 3.03
N THR A 132 41.04 12.76 2.62
CA THR A 132 41.83 12.64 1.40
C THR A 132 41.20 11.70 0.36
N TRP A 133 41.71 11.75 -0.86
CA TRP A 133 41.15 10.98 -1.99
C TRP A 133 42.13 9.94 -2.51
N THR A 134 41.58 8.81 -2.96
CA THR A 134 42.34 7.83 -3.72
C THR A 134 41.86 7.81 -5.18
N ALA A 135 42.74 8.25 -6.09
CA ALA A 135 42.49 8.21 -7.52
C ALA A 135 43.04 6.91 -8.11
N ALA A 136 42.18 6.18 -8.82
CA ALA A 136 42.55 4.85 -9.33
C ALA A 136 43.39 4.89 -10.61
N ASP A 137 43.31 5.99 -11.34
CA ASP A 137 44.05 6.17 -12.60
C ASP A 137 44.41 7.64 -12.87
N MET A 138 45.09 7.90 -13.99
CA MET A 138 45.54 9.25 -14.33
C MET A 138 44.40 10.26 -14.43
N ALA A 139 43.31 9.84 -15.07
CA ALA A 139 42.13 10.70 -15.27
C ALA A 139 41.55 11.18 -13.94
N ALA A 140 41.42 10.24 -13.01
CA ALA A 140 40.92 10.54 -11.66
C ALA A 140 41.82 11.48 -10.87
N LEU A 141 43.09 11.60 -11.28
CA LEU A 141 43.97 12.60 -10.68
C LEU A 141 43.49 14.03 -11.00
N ILE A 142 42.90 14.23 -12.18
CA ILE A 142 42.37 15.55 -12.57
C ILE A 142 41.22 15.96 -11.66
N THR A 143 40.29 15.04 -11.45
CA THR A 143 39.15 15.22 -10.54
C THR A 143 39.63 15.46 -9.11
N LYS A 144 40.61 14.67 -8.68
CA LYS A 144 41.20 14.82 -7.33
C LYS A 144 41.73 16.22 -7.09
N HIS A 145 42.43 16.78 -8.08
CA HIS A 145 43.02 18.12 -7.96
C HIS A 145 41.93 19.19 -7.92
N LYS A 146 40.91 19.02 -8.76
CA LYS A 146 39.71 19.88 -8.72
C LYS A 146 39.05 19.89 -7.33
N TRP A 147 38.95 18.71 -6.72
CA TRP A 147 38.25 18.54 -5.44
C TRP A 147 39.05 19.02 -4.24
N GLU A 148 40.36 18.79 -4.24
CA GLU A 148 41.25 19.28 -3.18
C GLU A 148 41.30 20.81 -3.16
N GLN A 149 41.23 21.41 -4.34
CA GLN A 149 41.18 22.85 -4.47
C GLN A 149 39.81 23.41 -4.04
N ALA A 150 38.76 22.67 -4.37
CA ALA A 150 37.39 23.10 -4.03
C ALA A 150 37.01 22.86 -2.56
N GLY A 151 37.86 22.15 -1.82
CA GLY A 151 37.53 21.74 -0.45
C GLY A 151 36.33 20.80 -0.39
N GLU A 152 36.27 19.89 -1.36
CA GLU A 152 35.12 19.01 -1.51
C GLU A 152 35.03 17.97 -0.38
N ALA A 153 36.18 17.44 0.03
CA ALA A 153 36.22 16.46 1.12
C ALA A 153 35.56 16.99 2.40
N GLU A 154 35.75 18.27 2.69
CA GLU A 154 35.19 18.90 3.89
C GLU A 154 33.66 19.04 3.81
N ARG A 155 33.18 19.43 2.64
CA ARG A 155 31.75 19.49 2.37
C ARG A 155 31.11 18.10 2.48
N LEU A 156 31.77 17.10 1.90
CA LEU A 156 31.32 15.70 1.91
C LEU A 156 31.33 15.13 3.32
N ARG A 157 32.43 15.36 4.04
CA ARG A 157 32.55 14.90 5.43
C ARG A 157 31.41 15.42 6.29
N ALA A 158 31.05 16.70 6.12
CA ALA A 158 29.92 17.31 6.84
C ALA A 158 28.63 16.55 6.54
N TYR A 159 28.42 16.21 5.27
CA TYR A 159 27.26 15.40 4.90
C TYR A 159 27.30 14.04 5.59
N LEU A 160 28.42 13.33 5.45
CA LEU A 160 28.58 11.97 5.99
C LEU A 160 28.44 11.88 7.52
N GLU A 161 29.13 12.80 8.21
CA GLU A 161 29.11 12.86 9.68
C GLU A 161 27.87 13.53 10.26
N GLY A 162 27.26 14.44 9.48
CA GLY A 162 26.12 15.23 9.97
C GLY A 162 24.81 14.89 9.30
N THR A 163 24.55 15.51 8.15
CA THR A 163 23.30 15.33 7.41
C THR A 163 22.86 13.86 7.33
N CYS A 164 23.76 13.02 6.83
CA CYS A 164 23.49 11.59 6.59
C CYS A 164 23.07 10.88 7.89
N VAL A 165 23.85 11.10 8.94
CA VAL A 165 23.57 10.50 10.24
C VAL A 165 22.20 10.96 10.76
N GLU A 166 21.92 12.25 10.67
CA GLU A 166 20.66 12.82 11.17
C GLU A 166 19.44 12.36 10.39
N TRP A 167 19.55 12.31 9.07
CA TRP A 167 18.45 11.79 8.25
C TRP A 167 18.25 10.30 8.42
N LEU A 168 19.33 9.55 8.61
CA LEU A 168 19.22 8.12 8.91
C LEU A 168 18.41 7.91 10.19
N ARG A 169 18.67 8.74 11.20
CA ARG A 169 17.91 8.70 12.45
C ARG A 169 16.42 8.91 12.19
N ARG A 170 16.08 9.92 11.38
CA ARG A 170 14.69 10.23 11.02
C ARG A 170 14.00 9.08 10.26
N TYR A 171 14.67 8.53 9.25
CA TYR A 171 14.14 7.41 8.47
C TYR A 171 13.89 6.17 9.32
N LEU A 172 14.85 5.84 10.19
CA LEU A 172 14.74 4.68 11.09
C LEU A 172 13.56 4.81 12.04
N LYS A 173 13.29 6.02 12.51
CA LYS A 173 12.14 6.29 13.36
C LYS A 173 10.85 5.87 12.68
N ASN A 174 10.71 6.25 11.41
CA ASN A 174 9.53 5.90 10.62
C ASN A 174 9.53 4.46 10.14
N GLY A 175 10.71 3.90 9.94
CA GLY A 175 10.85 2.59 9.30
C GLY A 175 11.24 1.39 10.16
N ASN A 176 11.78 1.65 11.35
CA ASN A 176 12.30 0.60 12.26
C ASN A 176 11.39 -0.61 12.41
N ALA A 177 10.10 -0.36 12.65
CA ALA A 177 9.11 -1.42 12.83
C ALA A 177 8.90 -2.30 11.61
N THR A 178 9.18 -1.74 10.42
CA THR A 178 9.12 -2.48 9.17
C THR A 178 10.48 -3.11 8.86
N LEU A 179 11.54 -2.35 9.05
CA LEU A 179 12.91 -2.80 8.74
C LEU A 179 13.37 -3.97 9.62
N LEU A 180 12.75 -4.08 10.80
CA LEU A 180 13.13 -5.04 11.83
C LEU A 180 12.79 -6.48 11.47
N ARG A 181 11.82 -6.65 10.58
CA ARG A 181 11.34 -7.98 10.19
C ARG A 181 12.49 -8.87 9.71
N THR A 182 12.53 -10.09 10.25
CA THR A 182 13.39 -11.14 9.72
C THR A 182 12.55 -12.38 9.52
N ASP A 183 12.78 -13.07 8.40
CA ASP A 183 12.11 -14.33 8.11
C ASP A 183 13.16 -15.44 8.19
N SER A 184 12.94 -16.39 9.10
CA SER A 184 13.87 -17.49 9.28
C SER A 184 13.65 -18.51 8.14
N PRO A 185 14.73 -19.16 7.68
CA PRO A 185 14.57 -20.12 6.58
C PRO A 185 13.78 -21.38 6.99
N LYS A 186 12.90 -21.82 6.10
CA LYS A 186 12.27 -23.13 6.20
C LYS A 186 13.08 -24.07 5.31
N ALA A 187 13.43 -25.23 5.83
CA ALA A 187 14.33 -26.14 5.13
C ALA A 187 13.74 -27.52 4.84
N HIS A 188 14.18 -28.14 3.74
CA HIS A 188 13.81 -29.52 3.40
C HIS A 188 14.87 -30.14 2.51
N VAL A 189 14.96 -31.46 2.52
CA VAL A 189 15.94 -32.17 1.71
C VAL A 189 15.23 -32.92 0.58
N THR A 190 15.77 -32.77 -0.63
CA THR A 190 15.29 -33.55 -1.77
C THR A 190 16.31 -34.59 -2.19
N HIS A 191 15.84 -35.60 -2.92
CA HIS A 191 16.60 -36.78 -3.25
C HIS A 191 16.54 -36.96 -4.78
N HIS A 192 17.70 -37.10 -5.40
CA HIS A 192 17.80 -37.21 -6.86
C HIS A 192 18.81 -38.29 -7.22
N SER A 193 18.54 -39.02 -8.29
CA SER A 193 19.44 -40.09 -8.72
C SER A 193 20.73 -39.54 -9.33
N ARG A 194 21.82 -40.31 -9.16
CA ARG A 194 23.06 -40.08 -9.89
C ARG A 194 23.35 -41.38 -10.64
N PRO A 195 24.29 -41.37 -11.61
CA PRO A 195 24.63 -42.67 -12.19
C PRO A 195 25.25 -43.65 -11.20
N GLU A 196 25.07 -44.93 -11.47
CA GLU A 196 25.57 -46.02 -10.61
C GLU A 196 24.95 -45.95 -9.22
N ASP A 197 25.78 -46.11 -8.19
CA ASP A 197 25.32 -46.31 -6.83
C ASP A 197 25.37 -45.05 -5.98
N LYS A 198 25.12 -43.90 -6.62
CA LYS A 198 25.16 -42.62 -5.94
C LYS A 198 23.86 -41.86 -6.09
N VAL A 199 23.61 -40.98 -5.13
CA VAL A 199 22.43 -40.12 -5.12
C VAL A 199 22.83 -38.71 -4.72
N THR A 200 22.04 -37.74 -5.15
CA THR A 200 22.27 -36.36 -4.74
C THR A 200 21.24 -36.01 -3.68
N LEU A 201 21.72 -35.49 -2.55
CA LEU A 201 20.87 -34.89 -1.53
C LEU A 201 21.02 -33.38 -1.66
N ARG A 202 19.89 -32.70 -1.82
CA ARG A 202 19.90 -31.24 -1.94
C ARG A 202 19.11 -30.62 -0.79
N CYS A 203 19.81 -29.83 0.01
CA CYS A 203 19.23 -29.14 1.15
C CYS A 203 18.77 -27.75 0.74
N TRP A 204 17.48 -27.49 0.87
CA TRP A 204 16.87 -26.24 0.48
C TRP A 204 16.58 -25.37 1.69
N ALA A 205 16.90 -24.08 1.57
CA ALA A 205 16.48 -23.06 2.52
C ALA A 205 15.60 -22.09 1.74
N LEU A 206 14.37 -21.93 2.20
CA LEU A 206 13.37 -21.12 1.52
C LEU A 206 12.74 -20.10 2.47
N GLY A 207 12.21 -19.04 1.89
CA GLY A 207 11.43 -18.05 2.60
C GLY A 207 12.19 -17.18 3.58
N PHE A 208 13.52 -17.14 3.47
CA PHE A 208 14.27 -16.37 4.45
C PHE A 208 14.48 -14.92 4.05
N TYR A 209 14.55 -14.06 5.05
CA TYR A 209 14.97 -12.71 4.77
C TYR A 209 16.46 -12.68 5.15
N PRO A 210 16.99 -11.60 5.77
CA PRO A 210 18.26 -11.12 5.17
C PRO A 210 18.95 -12.21 4.34
N ALA A 211 19.36 -11.90 3.12
CA ALA A 211 19.94 -12.90 2.23
C ALA A 211 21.06 -13.76 2.85
N ASP A 212 21.77 -13.21 3.82
CA ASP A 212 22.93 -13.86 4.42
C ASP A 212 22.53 -15.19 5.06
N ILE A 213 23.19 -16.27 4.63
CA ILE A 213 22.90 -17.61 5.12
C ILE A 213 24.10 -18.52 4.84
N THR A 214 24.27 -19.56 5.65
CA THR A 214 25.26 -20.59 5.37
C THR A 214 24.57 -21.97 5.42
N LEU A 215 24.85 -22.78 4.42
CA LEU A 215 24.41 -24.19 4.42
C LEU A 215 25.63 -25.09 4.42
N THR A 216 25.58 -26.14 5.22
CA THR A 216 26.65 -27.13 5.25
C THR A 216 26.05 -28.52 5.26
N TRP A 217 26.81 -29.47 4.75
CA TRP A 217 26.49 -30.88 4.91
C TRP A 217 27.58 -31.48 5.77
N GLN A 218 27.20 -32.42 6.63
CA GLN A 218 28.15 -33.14 7.46
C GLN A 218 27.93 -34.65 7.33
N LEU A 219 29.02 -35.39 7.37
CA LEU A 219 28.99 -36.83 7.61
C LEU A 219 29.61 -37.04 9.00
N ASN A 220 28.80 -37.56 9.93
CA ASN A 220 29.09 -37.57 11.37
C ASN A 220 28.94 -36.15 11.90
N GLY A 221 30.03 -35.61 12.43
CA GLY A 221 30.11 -34.19 12.80
C GLY A 221 31.14 -33.41 12.01
N GLU A 222 31.61 -33.97 10.89
CA GLU A 222 32.62 -33.32 10.05
C GLU A 222 32.00 -32.73 8.77
N GLU A 223 32.29 -31.45 8.52
CA GLU A 223 31.72 -30.73 7.36
C GLU A 223 32.38 -31.14 6.04
N LEU A 224 31.55 -31.39 5.03
CA LEU A 224 32.05 -31.73 3.69
C LEU A 224 32.34 -30.45 2.91
N ILE A 225 33.41 -29.76 3.31
CA ILE A 225 33.80 -28.48 2.74
C ILE A 225 34.49 -28.66 1.38
N GLN A 226 34.20 -29.78 0.72
CA GLN A 226 34.55 -30.03 -0.69
C GLN A 226 33.60 -31.07 -1.27
N ASP A 227 33.43 -31.06 -2.59
CA ASP A 227 32.51 -31.94 -3.34
C ASP A 227 31.03 -31.58 -3.15
N MET A 228 30.80 -30.47 -2.45
CA MET A 228 29.46 -29.94 -2.25
C MET A 228 29.18 -28.82 -3.25
N GLU A 229 28.11 -28.98 -4.02
CA GLU A 229 27.64 -27.96 -4.95
C GLU A 229 26.64 -27.04 -4.26
N LEU A 230 26.60 -25.78 -4.67
CA LEU A 230 25.64 -24.83 -4.13
C LEU A 230 25.30 -23.76 -5.16
N VAL A 231 24.22 -23.05 -4.91
CA VAL A 231 23.87 -21.92 -5.75
C VAL A 231 24.05 -20.60 -4.98
N GLU A 232 24.28 -19.54 -5.73
CA GLU A 232 24.25 -18.21 -5.16
C GLU A 232 22.85 -17.97 -4.61
N THR A 233 22.77 -17.32 -3.45
CA THR A 233 21.49 -16.96 -2.85
C THR A 233 20.72 -16.06 -3.82
N ARG A 234 19.40 -16.29 -3.92
CA ARG A 234 18.59 -15.70 -4.99
C ARG A 234 17.22 -15.25 -4.48
N PRO A 235 16.70 -14.14 -5.04
CA PRO A 235 15.38 -13.65 -4.61
C PRO A 235 14.25 -14.58 -5.07
N ALA A 236 13.30 -14.86 -4.16
CA ALA A 236 12.09 -15.57 -4.56
C ALA A 236 11.21 -14.64 -5.39
N GLY A 237 11.36 -13.34 -5.18
CA GLY A 237 10.60 -12.33 -5.91
C GLY A 237 9.51 -11.69 -5.08
N ASP A 238 9.33 -12.22 -3.87
CA ASP A 238 8.33 -11.72 -2.93
C ASP A 238 8.97 -11.02 -1.72
N GLY A 239 10.27 -10.75 -1.79
CA GLY A 239 10.99 -10.13 -0.70
C GLY A 239 11.78 -11.12 0.14
N THR A 240 11.56 -12.41 -0.10
CA THR A 240 12.35 -13.46 0.54
C THR A 240 13.38 -14.10 -0.40
N PHE A 241 14.28 -14.89 0.18
CA PHE A 241 15.41 -15.46 -0.54
C PHE A 241 15.44 -16.99 -0.50
N GLN A 242 16.21 -17.58 -1.40
CA GLN A 242 16.34 -19.03 -1.55
C GLN A 242 17.82 -19.38 -1.66
N LYS A 243 18.17 -20.58 -1.21
CA LYS A 243 19.51 -21.13 -1.43
C LYS A 243 19.43 -22.65 -1.32
N TRP A 244 20.34 -23.33 -1.99
CA TRP A 244 20.54 -24.75 -1.75
C TRP A 244 21.99 -25.19 -1.81
N ALA A 245 22.25 -26.32 -1.16
CA ALA A 245 23.55 -26.95 -1.15
C ALA A 245 23.32 -28.44 -1.31
N SER A 246 24.09 -29.08 -2.19
CA SER A 246 23.88 -30.50 -2.46
C SER A 246 25.16 -31.30 -2.25
N VAL A 247 25.01 -32.57 -1.91
CA VAL A 247 26.14 -33.50 -1.83
C VAL A 247 25.79 -34.81 -2.50
N VAL A 248 26.81 -35.48 -3.04
CA VAL A 248 26.63 -36.81 -3.62
C VAL A 248 27.01 -37.82 -2.56
N VAL A 249 26.12 -38.78 -2.32
CA VAL A 249 26.33 -39.82 -1.29
C VAL A 249 26.05 -41.21 -1.84
N PRO A 250 26.51 -42.27 -1.14
CA PRO A 250 26.18 -43.62 -1.58
C PRO A 250 24.69 -43.92 -1.44
N LEU A 251 24.13 -44.58 -2.43
CA LEU A 251 22.81 -45.15 -2.34
C LEU A 251 22.71 -46.03 -1.08
N GLY A 252 21.70 -45.78 -0.27
CA GLY A 252 21.50 -46.55 0.95
C GLY A 252 22.08 -45.90 2.19
N LYS A 253 22.93 -44.88 2.00
CA LYS A 253 23.58 -44.21 3.11
C LYS A 253 23.06 -42.79 3.38
N GLU A 254 21.91 -42.44 2.80
CA GLU A 254 21.36 -41.09 2.92
C GLU A 254 21.20 -40.62 4.38
N GLN A 255 20.79 -41.55 5.27
CA GLN A 255 20.57 -41.20 6.67
C GLN A 255 21.85 -40.94 7.46
N TYR A 256 23.02 -41.05 6.81
CA TYR A 256 24.28 -40.80 7.51
C TYR A 256 24.69 -39.34 7.42
N TYR A 257 23.97 -38.58 6.59
CA TYR A 257 24.27 -37.17 6.33
C TYR A 257 23.23 -36.24 6.94
N THR A 258 23.70 -35.08 7.41
CA THR A 258 22.80 -34.06 7.95
C THR A 258 23.13 -32.70 7.36
N CYS A 259 22.10 -31.94 7.06
CA CYS A 259 22.28 -30.60 6.56
C CYS A 259 22.20 -29.61 7.72
N HIS A 260 23.08 -28.61 7.71
CA HIS A 260 23.08 -27.55 8.71
C HIS A 260 22.81 -26.20 8.03
N VAL A 261 21.80 -25.50 8.54
CA VAL A 261 21.40 -24.18 8.02
C VAL A 261 21.65 -23.11 9.10
N TYR A 262 22.50 -22.13 8.77
CA TYR A 262 22.87 -21.03 9.68
C TYR A 262 22.33 -19.72 9.16
N HIS A 263 21.53 -19.03 9.99
CA HIS A 263 20.92 -17.75 9.64
C HIS A 263 20.83 -16.92 10.91
N GLN A 264 20.83 -15.59 10.76
CA GLN A 264 20.68 -14.69 11.92
C GLN A 264 19.31 -14.82 12.60
N GLY A 265 18.29 -15.20 11.82
CA GLY A 265 16.94 -15.42 12.34
C GLY A 265 16.76 -16.74 13.08
N LEU A 266 17.78 -17.60 13.02
CA LEU A 266 17.70 -18.87 13.73
C LEU A 266 18.41 -18.80 15.08
N PRO A 267 17.65 -18.98 16.19
CA PRO A 267 18.23 -19.00 17.53
C PRO A 267 19.30 -20.09 17.63
N GLU A 268 19.03 -21.20 16.96
CA GLU A 268 19.98 -22.29 16.82
C GLU A 268 19.90 -22.80 15.38
N PRO A 269 21.05 -23.21 14.81
CA PRO A 269 21.07 -23.72 13.43
C PRO A 269 20.11 -24.89 13.22
N LEU A 270 19.53 -24.97 12.03
CA LEU A 270 18.64 -26.07 11.68
C LEU A 270 19.43 -27.32 11.43
N THR A 271 18.88 -28.44 11.87
CA THR A 271 19.40 -29.77 11.56
C THR A 271 18.34 -30.56 10.86
N LEU A 272 18.69 -31.11 9.70
CA LEU A 272 17.78 -31.98 8.97
C LEU A 272 18.52 -33.03 8.15
N ARG A 273 17.77 -34.05 7.74
CA ARG A 273 18.29 -35.09 6.86
C ARG A 273 17.24 -35.52 5.86
N TRP A 274 17.63 -36.38 4.91
CA TRP A 274 16.68 -36.93 3.96
C TRP A 274 15.67 -37.82 4.67
N GLU A 275 14.40 -37.53 4.46
CA GLU A 275 13.34 -38.41 4.88
C GLU A 275 12.47 -38.75 3.68
N PRO A 276 12.29 -40.06 3.40
CA PRO A 276 11.41 -40.48 2.32
C PRO A 276 9.96 -40.03 2.60
N PRO A 277 9.14 -39.85 1.54
CA PRO A 277 7.75 -39.43 1.69
C PRO A 277 6.99 -40.23 2.75
N PRO A 278 6.05 -39.57 3.45
CA PRO A 278 5.29 -40.22 4.53
C PRO A 278 4.79 -41.60 4.14
N SER A 279 4.98 -42.57 4.89
N ILE B 1 36.53 -3.06 -20.63
CA ILE B 1 36.44 -4.44 -20.05
C ILE B 1 35.04 -4.73 -19.51
N GLN B 2 34.48 -5.88 -19.88
CA GLN B 2 33.08 -6.19 -19.62
C GLN B 2 32.89 -7.49 -18.82
N LYS B 3 31.81 -7.53 -18.06
CA LYS B 3 31.49 -8.68 -17.22
C LYS B 3 30.33 -9.48 -17.81
N THR B 4 30.51 -10.80 -17.91
CA THR B 4 29.50 -11.71 -18.47
C THR B 4 28.45 -12.13 -17.45
N PRO B 5 27.17 -12.00 -17.81
CA PRO B 5 26.07 -12.31 -16.91
C PRO B 5 26.06 -13.74 -16.41
N GLN B 6 25.80 -13.90 -15.12
CA GLN B 6 25.50 -15.19 -14.50
C GLN B 6 23.98 -15.30 -14.43
N ILE B 7 23.46 -16.51 -14.67
CA ILE B 7 22.01 -16.72 -14.80
C ILE B 7 21.53 -17.91 -13.98
N GLN B 8 20.40 -17.72 -13.29
CA GLN B 8 19.68 -18.80 -12.63
C GLN B 8 18.22 -18.72 -13.06
N VAL B 9 17.66 -19.87 -13.44
CA VAL B 9 16.24 -20.00 -13.77
C VAL B 9 15.60 -20.93 -12.75
N TYR B 10 14.52 -20.48 -12.12
CA TYR B 10 13.95 -21.19 -10.96
C TYR B 10 12.56 -20.66 -10.65
N SER B 11 11.77 -21.51 -10.01
CA SER B 11 10.42 -21.16 -9.62
C SER B 11 10.45 -20.52 -8.24
N ARG B 12 9.49 -19.62 -7.99
CA ARG B 12 9.30 -18.96 -6.70
C ARG B 12 8.91 -19.96 -5.62
N HIS B 13 8.02 -20.89 -5.96
CA HIS B 13 7.59 -21.94 -5.05
C HIS B 13 7.99 -23.28 -5.61
N PRO B 14 8.18 -24.30 -4.74
CA PRO B 14 8.36 -25.66 -5.27
C PRO B 14 7.30 -25.96 -6.34
N PRO B 15 7.72 -26.48 -7.50
CA PRO B 15 6.77 -26.66 -8.59
C PRO B 15 5.94 -27.93 -8.39
N GLU B 16 4.65 -27.82 -8.62
CA GLU B 16 3.77 -28.96 -8.65
C GLU B 16 3.03 -28.83 -9.97
N ASN B 17 3.05 -29.90 -10.75
CA ASN B 17 2.35 -29.90 -12.04
C ASN B 17 0.89 -29.52 -11.81
N GLY B 18 0.37 -28.64 -12.67
CA GLY B 18 -1.02 -28.18 -12.58
C GLY B 18 -1.27 -26.98 -11.68
N LYS B 19 -0.29 -26.59 -10.87
CA LYS B 19 -0.47 -25.47 -9.92
C LYS B 19 0.26 -24.18 -10.31
N PRO B 20 -0.49 -23.07 -10.44
CA PRO B 20 0.09 -21.76 -10.79
C PRO B 20 1.27 -21.40 -9.90
N ASN B 21 2.25 -20.75 -10.50
CA ASN B 21 3.52 -20.47 -9.86
C ASN B 21 4.16 -19.29 -10.61
N ILE B 22 5.37 -18.93 -10.21
CA ILE B 22 6.12 -17.88 -10.90
C ILE B 22 7.48 -18.44 -11.28
N LEU B 23 7.89 -18.22 -12.52
CA LEU B 23 9.22 -18.60 -12.97
C LEU B 23 10.09 -17.36 -13.01
N ASN B 24 11.26 -17.46 -12.36
CA ASN B 24 12.22 -16.37 -12.25
C ASN B 24 13.42 -16.64 -13.16
N CYS B 25 13.94 -15.55 -13.72
CA CYS B 25 15.23 -15.57 -14.36
C CYS B 25 16.04 -14.44 -13.71
N TYR B 26 16.96 -14.85 -12.85
CA TYR B 26 17.80 -13.94 -12.07
C TYR B 26 19.12 -13.76 -12.78
N VAL B 27 19.42 -12.53 -13.20
CA VAL B 27 20.63 -12.25 -13.98
C VAL B 27 21.54 -11.28 -13.23
N THR B 28 22.79 -11.69 -13.00
CA THR B 28 23.71 -10.91 -12.17
C THR B 28 25.07 -10.80 -12.84
N GLN B 29 25.92 -9.96 -12.26
CA GLN B 29 27.36 -9.90 -12.55
C GLN B 29 27.66 -9.42 -13.97
N PHE B 30 26.82 -8.53 -14.48
CA PHE B 30 27.00 -8.00 -15.82
C PHE B 30 27.27 -6.50 -15.84
N HIS B 31 28.06 -6.09 -16.83
CA HIS B 31 28.41 -4.69 -17.10
C HIS B 31 28.90 -4.67 -18.55
N PRO B 32 28.37 -3.76 -19.39
CA PRO B 32 27.50 -2.60 -19.18
C PRO B 32 26.06 -2.98 -18.79
N PRO B 33 25.26 -2.00 -18.35
CA PRO B 33 23.91 -2.31 -17.87
C PRO B 33 22.89 -2.68 -18.94
N HIS B 34 23.16 -2.36 -20.20
CA HIS B 34 22.21 -2.73 -21.25
C HIS B 34 22.18 -4.24 -21.41
N ILE B 35 20.98 -4.82 -21.36
CA ILE B 35 20.79 -6.26 -21.46
C ILE B 35 19.41 -6.60 -22.04
N GLU B 36 19.34 -7.74 -22.72
CA GLU B 36 18.10 -8.20 -23.33
C GLU B 36 17.79 -9.59 -22.79
N ILE B 37 16.61 -9.73 -22.18
CA ILE B 37 16.22 -10.97 -21.53
C ILE B 37 14.86 -11.40 -22.06
N GLN B 38 14.78 -12.65 -22.53
CA GLN B 38 13.54 -13.26 -22.96
C GLN B 38 13.34 -14.54 -22.16
N MET B 39 12.09 -14.87 -21.88
CA MET B 39 11.76 -16.16 -21.28
C MET B 39 11.02 -16.94 -22.35
N LEU B 40 11.29 -18.25 -22.39
CA LEU B 40 10.82 -19.08 -23.49
C LEU B 40 10.08 -20.31 -22.98
N LYS B 41 8.97 -20.65 -23.63
CA LYS B 41 8.24 -21.87 -23.35
C LYS B 41 8.25 -22.74 -24.59
N ASN B 42 8.78 -23.95 -24.43
CA ASN B 42 8.90 -24.88 -25.55
C ASN B 42 9.52 -24.22 -26.80
N GLY B 43 10.50 -23.34 -26.56
CA GLY B 43 11.26 -22.69 -27.62
C GLY B 43 10.71 -21.35 -28.09
N LYS B 44 9.50 -21.00 -27.66
CA LYS B 44 8.86 -19.76 -28.13
C LYS B 44 8.84 -18.68 -27.06
N LYS B 45 9.07 -17.44 -27.49
CA LYS B 45 9.06 -16.29 -26.60
C LYS B 45 7.74 -16.20 -25.82
N ILE B 46 7.87 -16.01 -24.51
CA ILE B 46 6.73 -15.77 -23.63
C ILE B 46 6.43 -14.26 -23.68
N PRO B 47 5.15 -13.90 -23.94
CA PRO B 47 4.84 -12.48 -24.19
C PRO B 47 4.92 -11.59 -22.94
N LYS B 48 4.30 -12.02 -21.84
CA LYS B 48 4.22 -11.17 -20.67
C LYS B 48 5.25 -11.61 -19.62
N VAL B 49 6.41 -10.97 -19.70
CA VAL B 49 7.50 -11.17 -18.75
C VAL B 49 7.72 -9.84 -18.05
N GLU B 50 7.63 -9.85 -16.73
CA GLU B 50 7.86 -8.67 -15.94
C GLU B 50 9.35 -8.58 -15.56
N MET B 51 9.81 -7.34 -15.42
CA MET B 51 11.21 -7.06 -15.14
C MET B 51 11.31 -6.19 -13.90
N SER B 52 12.15 -6.59 -12.94
CA SER B 52 12.45 -5.70 -11.81
C SER B 52 13.19 -4.47 -12.33
N ASP B 53 13.24 -3.41 -11.53
CA ASP B 53 14.12 -2.30 -11.86
C ASP B 53 15.54 -2.81 -11.69
N MET B 54 16.48 -2.24 -12.41
CA MET B 54 17.85 -2.72 -12.33
C MET B 54 18.56 -2.07 -11.13
N SER B 55 19.40 -2.85 -10.49
CA SER B 55 20.19 -2.37 -9.37
C SER B 55 21.65 -2.77 -9.64
N PHE B 56 22.57 -2.26 -8.83
CA PHE B 56 23.96 -2.72 -8.89
C PHE B 56 24.55 -3.02 -7.51
N SER B 57 25.61 -3.82 -7.51
CA SER B 57 26.24 -4.26 -6.27
C SER B 57 27.55 -3.51 -6.04
N LYS B 58 28.17 -3.78 -4.89
CA LYS B 58 29.37 -3.05 -4.52
C LYS B 58 30.56 -3.32 -5.47
N ASP B 59 30.54 -4.42 -6.22
CA ASP B 59 31.59 -4.66 -7.25
C ASP B 59 31.32 -3.93 -8.58
N TRP B 60 30.24 -3.13 -8.58
CA TRP B 60 29.80 -2.28 -9.73
C TRP B 60 28.92 -3.02 -10.75
N SER B 61 28.88 -4.34 -10.66
CA SER B 61 28.07 -5.13 -11.61
C SER B 61 26.55 -5.02 -11.37
N PHE B 62 25.79 -5.13 -12.44
CA PHE B 62 24.34 -4.95 -12.38
C PHE B 62 23.60 -6.25 -12.14
N TYR B 63 22.37 -6.15 -11.65
CA TYR B 63 21.54 -7.34 -11.48
C TYR B 63 20.06 -7.00 -11.69
N ILE B 64 19.31 -8.00 -12.13
CA ILE B 64 17.91 -7.83 -12.46
C ILE B 64 17.17 -9.16 -12.35
N LEU B 65 15.88 -9.08 -12.01
CA LEU B 65 15.04 -10.26 -11.92
C LEU B 65 13.93 -10.12 -12.96
N ALA B 66 13.93 -11.07 -13.90
CA ALA B 66 12.82 -11.25 -14.83
C ALA B 66 11.93 -12.35 -14.27
N HIS B 67 10.63 -12.18 -14.42
CA HIS B 67 9.71 -13.19 -13.96
C HIS B 67 8.44 -13.24 -14.80
N THR B 68 7.78 -14.38 -14.71
CA THR B 68 6.54 -14.61 -15.45
C THR B 68 5.67 -15.63 -14.71
N GLU B 69 4.36 -15.51 -14.89
CA GLU B 69 3.43 -16.46 -14.33
C GLU B 69 3.42 -17.70 -15.21
N PHE B 70 3.39 -18.86 -14.59
CA PHE B 70 3.33 -20.12 -15.34
C PHE B 70 2.73 -21.22 -14.49
N THR B 71 2.16 -22.21 -15.16
CA THR B 71 1.66 -23.40 -14.50
C THR B 71 2.43 -24.58 -15.07
N PRO B 72 3.39 -25.13 -14.29
CA PRO B 72 4.23 -26.19 -14.87
C PRO B 72 3.48 -27.48 -15.17
N THR B 73 4.00 -28.23 -16.13
CA THR B 73 3.50 -29.56 -16.45
C THR B 73 4.66 -30.50 -16.52
N GLU B 74 4.37 -31.80 -16.61
CA GLU B 74 5.41 -32.79 -16.66
C GLU B 74 6.40 -32.57 -17.81
N THR B 75 5.89 -32.13 -18.97
CA THR B 75 6.71 -32.10 -20.20
C THR B 75 7.10 -30.72 -20.78
N ASP B 76 6.41 -29.63 -20.40
CA ASP B 76 6.75 -28.30 -20.90
C ASP B 76 8.15 -27.86 -20.50
N THR B 77 8.87 -27.29 -21.46
CA THR B 77 10.25 -26.88 -21.27
C THR B 77 10.27 -25.36 -21.16
N TYR B 78 11.01 -24.85 -20.16
CA TYR B 78 11.17 -23.41 -19.97
C TYR B 78 12.64 -23.02 -19.99
N ALA B 79 12.92 -21.84 -20.54
CA ALA B 79 14.27 -21.32 -20.57
C ALA B 79 14.29 -19.80 -20.45
N CYS B 80 15.48 -19.30 -20.17
CA CYS B 80 15.72 -17.87 -20.16
C CYS B 80 16.87 -17.65 -21.11
N ARG B 81 16.68 -16.71 -22.05
CA ARG B 81 17.73 -16.38 -23.00
C ARG B 81 18.19 -14.93 -22.79
N VAL B 82 19.51 -14.75 -22.71
CA VAL B 82 20.10 -13.46 -22.36
C VAL B 82 21.11 -13.02 -23.40
N LYS B 83 20.91 -11.80 -23.91
CA LYS B 83 21.81 -11.20 -24.88
C LYS B 83 22.57 -10.05 -24.22
N HIS B 84 23.90 -10.17 -24.16
CA HIS B 84 24.75 -9.13 -23.55
C HIS B 84 26.05 -8.97 -24.35
N ASP B 85 26.56 -7.74 -24.44
CA ASP B 85 27.78 -7.45 -25.22
C ASP B 85 29.04 -8.20 -24.82
N SER B 86 29.06 -8.71 -23.58
CA SER B 86 30.18 -9.52 -23.10
C SER B 86 30.21 -10.89 -23.74
N MET B 87 29.12 -11.28 -24.40
CA MET B 87 29.01 -12.60 -25.03
C MET B 87 28.78 -12.48 -26.54
N ALA B 88 29.46 -13.32 -27.30
CA ALA B 88 29.38 -13.31 -28.76
C ALA B 88 28.02 -13.76 -29.28
N GLU B 89 27.33 -14.60 -28.51
CA GLU B 89 25.99 -15.06 -28.86
C GLU B 89 25.10 -15.10 -27.62
N PRO B 90 23.76 -14.98 -27.80
CA PRO B 90 22.87 -15.05 -26.64
C PRO B 90 22.98 -16.38 -25.88
N LYS B 91 22.89 -16.31 -24.55
CA LYS B 91 22.99 -17.49 -23.70
C LYS B 91 21.61 -17.95 -23.27
N THR B 92 21.31 -19.22 -23.54
CA THR B 92 20.04 -19.84 -23.17
C THR B 92 20.23 -20.82 -22.01
N VAL B 93 19.59 -20.54 -20.89
CA VAL B 93 19.65 -21.40 -19.70
C VAL B 93 18.29 -22.06 -19.46
N TYR B 94 18.30 -23.38 -19.31
CA TYR B 94 17.05 -24.13 -19.14
C TYR B 94 16.65 -24.31 -17.68
N TRP B 95 15.35 -24.22 -17.43
CA TRP B 95 14.83 -24.50 -16.10
C TRP B 95 14.97 -25.99 -15.79
N ASP B 96 15.59 -26.26 -14.65
CA ASP B 96 15.65 -27.63 -14.10
C ASP B 96 14.81 -27.60 -12.84
N ARG B 97 13.69 -28.34 -12.88
CA ARG B 97 12.75 -28.47 -11.75
C ARG B 97 13.43 -28.77 -10.40
N ASP B 98 14.61 -29.39 -10.42
CA ASP B 98 15.29 -29.86 -9.21
C ASP B 98 16.32 -28.86 -8.67
N MET B 99 16.39 -27.69 -9.30
CA MET B 99 17.44 -26.72 -8.97
C MET B 99 16.92 -25.30 -8.70
N SER C 1 18.51 11.48 2.62
CA SER C 1 18.74 12.79 1.97
C SER C 1 19.93 12.69 1.02
N GLN C 2 19.67 12.96 -0.25
CA GLN C 2 20.73 12.86 -1.25
C GLN C 2 21.83 13.90 -1.06
N TYR C 3 23.08 13.49 -1.22
CA TYR C 3 24.20 14.42 -1.37
C TYR C 3 24.11 15.15 -2.70
N TYR C 4 24.32 16.47 -2.70
CA TYR C 4 24.46 17.15 -3.97
C TYR C 4 25.89 17.04 -4.49
N TYR C 5 26.06 16.20 -5.51
CA TYR C 5 27.40 15.81 -6.01
C TYR C 5 28.14 16.95 -6.72
N ASN C 6 29.46 16.96 -6.55
CA ASN C 6 30.35 17.87 -7.27
C ASN C 6 30.56 17.33 -8.68
N SER C 7 31.31 18.08 -9.48
CA SER C 7 31.61 17.71 -10.86
C SER C 7 32.96 17.03 -10.94
N LEU C 8 33.10 16.16 -11.95
CA LEU C 8 34.34 15.45 -12.19
C LEU C 8 35.28 16.31 -13.02
N GLY D 1 -20.61 10.19 28.35
CA GLY D 1 -19.55 9.76 27.38
C GLY D 1 -18.94 10.94 26.63
N PRO D 2 -18.02 10.66 25.68
CA PRO D 2 -17.48 11.71 24.83
C PRO D 2 -18.45 12.03 23.69
N HIS D 3 -18.44 13.27 23.23
CA HIS D 3 -19.40 13.70 22.20
C HIS D 3 -18.74 14.53 21.12
N SER D 4 -19.40 14.62 19.96
CA SER D 4 -18.79 15.28 18.82
C SER D 4 -19.79 16.08 17.99
N LEU D 5 -19.25 17.11 17.33
CA LEU D 5 -19.98 17.92 16.37
C LEU D 5 -19.09 18.01 15.15
N ARG D 6 -19.59 17.55 14.01
CA ARG D 6 -18.79 17.47 12.81
C ARG D 6 -19.63 17.89 11.62
N TYR D 7 -19.00 18.59 10.69
CA TYR D 7 -19.62 18.95 9.41
C TYR D 7 -18.85 18.27 8.30
N PHE D 8 -19.59 17.60 7.41
CA PHE D 8 -19.04 16.96 6.23
C PHE D 8 -19.53 17.75 5.03
N VAL D 9 -18.59 18.30 4.27
CA VAL D 9 -18.90 19.24 3.20
C VAL D 9 -18.38 18.71 1.88
N THR D 10 -19.22 18.83 0.85
CA THR D 10 -18.87 18.39 -0.49
C THR D 10 -19.23 19.48 -1.53
N ALA D 11 -18.26 19.84 -2.38
CA ALA D 11 -18.52 20.65 -3.56
C ALA D 11 -18.07 19.90 -4.80
N VAL D 12 -18.98 19.74 -5.75
CA VAL D 12 -18.73 18.98 -6.96
C VAL D 12 -19.09 19.82 -8.20
N SER D 13 -18.08 20.11 -9.01
CA SER D 13 -18.32 20.83 -10.25
C SER D 13 -18.95 19.89 -11.28
N ARG D 14 -19.80 20.44 -12.12
CA ARG D 14 -20.47 19.67 -13.17
C ARG D 14 -20.49 20.52 -14.44
N PRO D 15 -19.30 20.74 -15.06
CA PRO D 15 -19.24 21.56 -16.28
C PRO D 15 -20.34 21.17 -17.28
N GLY D 16 -21.04 22.18 -17.80
CA GLY D 16 -22.09 21.96 -18.80
C GLY D 16 -23.39 21.37 -18.26
N LEU D 17 -23.49 21.21 -16.94
CA LEU D 17 -24.71 20.70 -16.33
C LEU D 17 -25.21 21.64 -15.24
N GLY D 18 -24.65 22.84 -15.20
CA GLY D 18 -25.06 23.84 -14.22
C GLY D 18 -24.01 24.14 -13.17
N GLU D 19 -24.46 24.78 -12.10
CA GLU D 19 -23.59 25.29 -11.05
C GLU D 19 -23.04 24.13 -10.21
N PRO D 20 -21.86 24.30 -9.60
CA PRO D 20 -21.37 23.22 -8.74
C PRO D 20 -22.34 22.95 -7.61
N ARG D 21 -22.50 21.67 -7.25
CA ARG D 21 -23.38 21.33 -6.16
C ARG D 21 -22.60 21.40 -4.86
N PHE D 22 -23.23 22.04 -3.87
CA PHE D 22 -22.64 22.22 -2.55
C PHE D 22 -23.57 21.58 -1.52
N ILE D 23 -23.02 20.65 -0.74
CA ILE D 23 -23.79 19.96 0.30
C ILE D 23 -23.02 20.04 1.62
N SER D 24 -23.72 20.39 2.68
CA SER D 24 -23.12 20.40 3.99
C SER D 24 -24.02 19.63 4.93
N VAL D 25 -23.44 18.64 5.61
CA VAL D 25 -24.22 17.81 6.50
C VAL D 25 -23.59 17.94 7.88
N GLY D 26 -24.43 18.22 8.89
CA GLY D 26 -23.92 18.32 10.25
C GLY D 26 -24.22 17.05 11.00
N TYR D 27 -23.31 16.64 11.88
CA TYR D 27 -23.54 15.46 12.71
C TYR D 27 -23.26 15.79 14.18
N VAL D 28 -24.14 15.32 15.06
CA VAL D 28 -23.87 15.31 16.49
C VAL D 28 -23.77 13.85 16.92
N ASP D 29 -22.65 13.49 17.54
CA ASP D 29 -22.37 12.09 17.91
C ASP D 29 -22.61 11.15 16.71
N ASN D 30 -22.02 11.51 15.56
CA ASN D 30 -22.12 10.74 14.32
C ASN D 30 -23.54 10.57 13.75
N THR D 31 -24.48 11.36 14.25
CA THR D 31 -25.87 11.30 13.81
C THR D 31 -26.24 12.59 13.07
N GLU D 32 -26.75 12.43 11.86
CA GLU D 32 -27.09 13.58 11.03
C GLU D 32 -28.12 14.46 11.73
N PHE D 33 -27.84 15.76 11.87
CA PHE D 33 -28.79 16.66 12.54
C PHE D 33 -29.19 17.89 11.71
N VAL D 34 -28.33 18.31 10.77
CA VAL D 34 -28.66 19.40 9.82
C VAL D 34 -28.13 19.04 8.44
N ARG D 35 -28.81 19.53 7.39
CA ARG D 35 -28.30 19.36 6.01
C ARG D 35 -28.66 20.55 5.14
N PHE D 36 -27.68 20.99 4.37
CA PHE D 36 -27.90 21.97 3.31
C PHE D 36 -27.51 21.34 1.98
N ASP D 37 -28.35 21.50 0.97
CA ASP D 37 -28.06 20.99 -0.36
C ASP D 37 -28.45 22.08 -1.34
N SER D 38 -27.46 22.57 -2.08
CA SER D 38 -27.67 23.67 -3.03
C SER D 38 -28.63 23.33 -4.17
N ASP D 39 -28.93 22.04 -4.36
CA ASP D 39 -29.85 21.58 -5.39
C ASP D 39 -31.31 21.50 -4.93
N ALA D 40 -31.56 21.76 -3.63
CA ALA D 40 -32.92 21.72 -3.07
C ALA D 40 -33.76 22.89 -3.61
N GLU D 41 -35.10 22.77 -3.59
CA GLU D 41 -35.94 23.87 -4.13
C GLU D 41 -35.68 25.19 -3.40
N ASN D 42 -35.72 25.15 -2.07
CA ASN D 42 -35.32 26.29 -1.27
C ASN D 42 -34.06 25.91 -0.53
N PRO D 43 -32.88 26.15 -1.15
CA PRO D 43 -31.64 25.73 -0.50
C PRO D 43 -31.51 26.45 0.84
N ARG D 44 -31.69 25.68 1.92
CA ARG D 44 -31.50 26.15 3.29
C ARG D 44 -31.08 24.97 4.15
N TYR D 45 -30.44 25.25 5.28
CA TYR D 45 -30.24 24.24 6.30
C TYR D 45 -31.61 23.79 6.81
N GLU D 46 -31.86 22.49 6.75
CA GLU D 46 -33.09 21.88 7.24
C GLU D 46 -32.74 21.02 8.44
N PRO D 47 -33.69 20.88 9.40
CA PRO D 47 -33.42 19.94 10.49
C PRO D 47 -33.49 18.51 10.00
N ARG D 48 -32.64 17.65 10.54
CA ARG D 48 -32.64 16.23 10.18
C ARG D 48 -32.92 15.40 11.41
N ALA D 49 -32.98 16.06 12.56
CA ALA D 49 -33.43 15.45 13.81
C ALA D 49 -34.57 16.28 14.42
N ARG D 50 -35.63 15.59 14.87
CA ARG D 50 -36.82 16.24 15.44
C ARG D 50 -36.50 17.33 16.46
N TRP D 51 -35.53 17.07 17.32
CA TRP D 51 -35.14 18.00 18.37
C TRP D 51 -34.52 19.30 17.85
N MET D 52 -34.26 19.35 16.55
CA MET D 52 -33.77 20.57 15.92
C MET D 52 -34.90 21.50 15.49
N GLU D 53 -36.11 20.95 15.36
CA GLU D 53 -37.30 21.74 15.03
C GLU D 53 -37.64 22.73 16.14
N GLN D 54 -36.96 22.56 17.28
CA GLN D 54 -37.07 23.45 18.43
C GLN D 54 -36.30 24.75 18.22
N GLU D 55 -35.38 24.74 17.25
CA GLU D 55 -34.61 25.94 16.91
C GLU D 55 -35.49 26.91 16.15
N GLY D 56 -35.29 28.21 16.41
CA GLY D 56 -36.11 29.25 15.80
C GLY D 56 -35.54 29.73 14.48
N PRO D 57 -36.42 30.30 13.61
CA PRO D 57 -36.08 30.85 12.29
C PRO D 57 -34.79 31.66 12.21
N GLU D 58 -34.36 32.23 13.34
CA GLU D 58 -33.14 33.04 13.39
C GLU D 58 -31.88 32.20 13.21
N TYR D 59 -31.83 31.06 13.90
CA TYR D 59 -30.74 30.09 13.75
C TYR D 59 -30.65 29.63 12.29
N TRP D 60 -31.80 29.26 11.74
CA TRP D 60 -31.89 28.71 10.39
C TRP D 60 -31.47 29.69 9.31
N GLU D 61 -31.83 30.96 9.48
CA GLU D 61 -31.44 32.02 8.56
C GLU D 61 -29.93 32.22 8.56
N ARG D 62 -29.35 32.34 9.75
CA ARG D 62 -27.91 32.58 9.92
C ARG D 62 -27.04 31.41 9.41
N GLU D 63 -27.52 30.19 9.64
CA GLU D 63 -26.81 29.00 9.17
C GLU D 63 -26.80 28.94 7.64
N THR D 64 -27.99 29.13 7.05
CA THR D 64 -28.20 29.11 5.60
C THR D 64 -27.35 30.15 4.86
N GLN D 65 -27.14 31.30 5.50
CA GLN D 65 -26.35 32.36 4.89
C GLN D 65 -24.86 32.01 4.84
N LYS D 66 -24.38 31.26 5.83
CA LYS D 66 -23.02 30.73 5.79
C LYS D 66 -22.89 29.65 4.70
N ALA D 67 -23.92 28.81 4.57
CA ALA D 67 -23.96 27.75 3.56
C ALA D 67 -23.96 28.32 2.13
N LYS D 68 -24.83 29.29 1.89
CA LYS D 68 -24.89 29.94 0.58
C LYS D 68 -23.61 30.69 0.25
N GLY D 69 -23.01 31.32 1.26
CA GLY D 69 -21.77 32.07 1.10
C GLY D 69 -20.59 31.16 0.77
N ASN D 70 -20.59 29.95 1.34
CA ASN D 70 -19.55 28.98 1.03
C ASN D 70 -19.84 28.19 -0.25
N GLU D 71 -21.12 28.07 -0.62
CA GLU D 71 -21.47 27.53 -1.93
C GLU D 71 -20.78 28.33 -3.04
N GLN D 72 -20.81 29.66 -2.90
CA GLN D 72 -20.15 30.54 -3.84
C GLN D 72 -18.63 30.49 -3.68
N SER D 73 -18.13 30.53 -2.45
CA SER D 73 -16.68 30.50 -2.23
C SER D 73 -16.04 29.18 -2.68
N PHE D 74 -16.74 28.06 -2.49
CA PHE D 74 -16.27 26.75 -2.95
C PHE D 74 -16.26 26.64 -4.49
N ARG D 75 -17.24 27.27 -5.14
CA ARG D 75 -17.21 27.40 -6.60
C ARG D 75 -15.90 28.04 -7.08
N VAL D 76 -15.52 29.14 -6.44
CA VAL D 76 -14.24 29.80 -6.73
C VAL D 76 -13.09 28.84 -6.44
N ASP D 77 -13.12 28.18 -5.29
CA ASP D 77 -12.08 27.22 -4.90
C ASP D 77 -11.84 26.16 -5.97
N LEU D 78 -12.93 25.64 -6.53
CA LEU D 78 -12.86 24.66 -7.61
C LEU D 78 -12.11 25.21 -8.81
N ARG D 79 -12.44 26.44 -9.23
CA ARG D 79 -11.68 27.10 -10.28
C ARG D 79 -10.20 27.32 -9.89
N THR D 80 -9.93 27.75 -8.66
CA THR D 80 -8.53 27.99 -8.31
C THR D 80 -7.67 26.71 -8.28
N LEU D 81 -8.29 25.56 -7.96
CA LEU D 81 -7.58 24.28 -7.99
C LEU D 81 -7.27 23.80 -9.40
N LEU D 82 -8.14 24.10 -10.36
CA LEU D 82 -7.85 23.84 -11.77
C LEU D 82 -6.56 24.54 -12.18
N GLY D 83 -6.36 25.76 -11.67
CA GLY D 83 -5.12 26.50 -11.84
C GLY D 83 -3.94 25.83 -11.17
N TYR D 84 -4.06 25.56 -9.87
CA TYR D 84 -2.98 24.89 -9.13
C TYR D 84 -2.55 23.58 -9.79
N TYR D 85 -3.50 22.83 -10.33
CA TYR D 85 -3.20 21.51 -10.91
C TYR D 85 -3.09 21.48 -12.44
N ASN D 86 -3.24 22.63 -13.10
CA ASN D 86 -3.28 22.69 -14.57
C ASN D 86 -4.27 21.68 -15.17
N GLN D 87 -5.51 21.74 -14.71
CA GLN D 87 -6.58 20.85 -15.20
C GLN D 87 -7.60 21.63 -16.01
N SER D 88 -8.25 20.97 -16.96
CA SER D 88 -9.23 21.63 -17.84
C SER D 88 -10.51 22.00 -17.11
N LYS D 89 -11.26 22.96 -17.67
CA LYS D 89 -12.56 23.35 -17.13
C LYS D 89 -13.64 22.34 -17.53
N GLY D 90 -13.26 21.35 -18.34
CA GLY D 90 -14.21 20.35 -18.83
C GLY D 90 -14.57 19.24 -17.85
N GLY D 91 -13.69 18.95 -16.89
CA GLY D 91 -13.85 17.78 -16.01
C GLY D 91 -14.57 18.09 -14.71
N SER D 92 -15.20 17.06 -14.14
CA SER D 92 -15.86 17.14 -12.84
C SER D 92 -14.86 16.88 -11.72
N HIS D 93 -14.81 17.77 -10.73
CA HIS D 93 -13.92 17.61 -9.59
C HIS D 93 -14.64 17.80 -8.25
N THR D 94 -14.06 17.24 -7.19
CA THR D 94 -14.70 17.32 -5.89
C THR D 94 -13.76 17.91 -4.85
N ILE D 95 -14.29 18.78 -4.01
CA ILE D 95 -13.60 19.21 -2.80
C ILE D 95 -14.43 18.69 -1.64
N GLN D 96 -13.78 18.08 -0.64
CA GLN D 96 -14.45 17.57 0.54
C GLN D 96 -13.78 18.12 1.78
N VAL D 97 -14.57 18.38 2.82
CA VAL D 97 -14.05 18.88 4.11
C VAL D 97 -14.75 18.16 5.26
N ILE D 98 -13.96 17.79 6.27
CA ILE D 98 -14.49 17.32 7.53
C ILE D 98 -13.95 18.29 8.60
N SER D 99 -14.88 18.92 9.32
CA SER D 99 -14.55 19.90 10.37
C SER D 99 -15.25 19.48 11.65
N GLY D 100 -14.73 19.91 12.79
CA GLY D 100 -15.45 19.63 14.02
C GLY D 100 -14.61 19.42 15.25
N CYS D 101 -15.31 19.10 16.34
CA CYS D 101 -14.71 19.05 17.65
C CYS D 101 -15.26 17.85 18.40
N GLU D 102 -14.37 17.21 19.14
CA GLU D 102 -14.72 16.15 20.07
C GLU D 102 -14.51 16.70 21.46
N VAL D 103 -15.51 16.51 22.32
CA VAL D 103 -15.43 16.92 23.72
C VAL D 103 -15.51 15.70 24.64
N GLY D 104 -15.24 15.92 25.92
CA GLY D 104 -15.37 14.87 26.91
C GLY D 104 -16.69 15.00 27.66
N SER D 105 -16.88 14.12 28.64
CA SER D 105 -18.07 14.11 29.49
C SER D 105 -18.17 15.36 30.36
N ASP D 106 -17.06 16.08 30.48
CA ASP D 106 -17.02 17.34 31.23
C ASP D 106 -17.31 18.54 30.33
N GLY D 107 -17.40 18.28 29.02
CA GLY D 107 -17.68 19.32 28.03
C GLY D 107 -16.46 20.07 27.52
N ARG D 108 -15.28 19.71 28.03
CA ARG D 108 -14.03 20.31 27.57
C ARG D 108 -13.56 19.70 26.25
N LEU D 109 -12.97 20.53 25.39
CA LEU D 109 -12.43 20.07 24.10
C LEU D 109 -11.40 18.96 24.22
N LEU D 110 -11.60 17.86 23.49
CA LEU D 110 -10.61 16.79 23.44
C LEU D 110 -9.71 16.88 22.21
N ARG D 111 -10.31 17.10 21.04
CA ARG D 111 -9.59 17.20 19.78
C ARG D 111 -10.41 18.01 18.80
N GLY D 112 -9.76 18.92 18.10
CA GLY D 112 -10.40 19.68 17.02
C GLY D 112 -9.73 19.37 15.70
N TYR D 113 -10.54 19.26 14.64
CA TYR D 113 -9.98 18.91 13.33
C TYR D 113 -10.60 19.69 12.18
N GLN D 114 -9.84 19.79 11.10
CA GLN D 114 -10.25 20.44 9.86
C GLN D 114 -9.42 19.79 8.77
N GLN D 115 -10.03 18.90 8.00
CA GLN D 115 -9.36 18.18 6.92
C GLN D 115 -10.01 18.49 5.58
N TYR D 116 -9.18 18.71 4.57
CA TYR D 116 -9.67 18.88 3.19
C TYR D 116 -9.20 17.74 2.32
N ALA D 117 -9.99 17.42 1.31
CA ALA D 117 -9.57 16.52 0.25
C ALA D 117 -9.96 17.07 -1.12
N TYR D 118 -9.10 16.84 -2.11
CA TYR D 118 -9.41 17.14 -3.51
C TYR D 118 -9.42 15.86 -4.33
N ASP D 119 -10.51 15.64 -5.03
CA ASP D 119 -10.75 14.43 -5.83
C ASP D 119 -10.47 13.14 -5.03
N GLY D 120 -10.87 13.16 -3.75
CA GLY D 120 -10.81 11.99 -2.88
C GLY D 120 -9.47 11.74 -2.19
N CYS D 121 -8.52 12.65 -2.38
CA CYS D 121 -7.20 12.53 -1.76
C CYS D 121 -6.91 13.70 -0.85
N ASP D 122 -6.20 13.43 0.25
CA ASP D 122 -5.79 14.46 1.22
C ASP D 122 -5.26 15.68 0.51
N TYR D 123 -5.68 16.85 0.97
CA TYR D 123 -5.18 18.11 0.43
C TYR D 123 -4.45 18.91 1.52
N ILE D 124 -5.19 19.29 2.56
CA ILE D 124 -4.65 20.03 3.69
C ILE D 124 -5.41 19.69 4.98
N ALA D 125 -4.69 19.66 6.11
CA ALA D 125 -5.30 19.39 7.40
C ALA D 125 -4.64 20.25 8.48
N LEU D 126 -5.46 20.73 9.41
CA LEU D 126 -4.96 21.39 10.60
C LEU D 126 -4.35 20.33 11.52
N ASN D 127 -3.18 20.65 12.07
CA ASN D 127 -2.51 19.73 12.99
C ASN D 127 -3.13 19.72 14.38
N GLU D 128 -2.76 18.69 15.14
CA GLU D 128 -3.15 18.50 16.54
C GLU D 128 -3.04 19.79 17.37
N ASP D 129 -1.93 20.51 17.17
CA ASP D 129 -1.61 21.73 17.93
C ASP D 129 -2.58 22.90 17.71
N LEU D 130 -3.44 22.75 16.69
CA LEU D 130 -4.42 23.78 16.28
C LEU D 130 -3.77 25.09 15.85
N LYS D 131 -2.52 25.01 15.42
CA LYS D 131 -1.76 26.20 15.04
C LYS D 131 -1.00 26.01 13.72
N THR D 132 -0.67 24.77 13.39
CA THR D 132 0.12 24.46 12.19
C THR D 132 -0.72 23.67 11.17
N TRP D 133 -0.34 23.77 9.89
CA TRP D 133 -0.99 23.04 8.79
C TRP D 133 -0.09 21.95 8.21
N THR D 134 -0.68 20.83 7.80
CA THR D 134 0.00 19.81 7.01
C THR D 134 -0.59 19.78 5.59
N ALA D 135 0.22 20.19 4.62
CA ALA D 135 -0.17 20.12 3.21
C ALA D 135 0.25 18.78 2.64
N ALA D 136 -0.56 18.21 1.76
CA ALA D 136 -0.32 16.86 1.23
C ALA D 136 0.41 16.85 -0.11
N ASP D 137 0.38 17.98 -0.82
CA ASP D 137 1.09 18.12 -2.08
C ASP D 137 1.49 19.58 -2.33
N MET D 138 2.15 19.81 -3.46
CA MET D 138 2.67 21.14 -3.81
C MET D 138 1.58 22.19 -3.97
N ALA D 139 0.46 21.79 -4.56
CA ALA D 139 -0.71 22.67 -4.69
C ALA D 139 -1.16 23.17 -3.32
N ALA D 140 -1.27 22.24 -2.36
CA ALA D 140 -1.70 22.53 -1.00
C ALA D 140 -0.79 23.47 -0.22
N LEU D 141 0.48 23.54 -0.62
CA LEU D 141 1.43 24.49 -0.02
C LEU D 141 1.05 25.94 -0.28
N ILE D 142 0.48 26.20 -1.46
CA ILE D 142 -0.02 27.53 -1.83
C ILE D 142 -1.09 27.97 -0.84
N THR D 143 -2.04 27.06 -0.60
CA THR D 143 -3.11 27.30 0.38
C THR D 143 -2.51 27.49 1.78
N LYS D 144 -1.63 26.58 2.18
CA LYS D 144 -0.94 26.64 3.47
C LYS D 144 -0.29 28.01 3.73
N HIS D 145 0.49 28.50 2.77
CA HIS D 145 1.13 29.83 2.91
C HIS D 145 0.08 30.94 3.01
N LYS D 146 -0.95 30.85 2.17
CA LYS D 146 -2.05 31.82 2.14
C LYS D 146 -2.77 31.90 3.49
N TRP D 147 -3.00 30.73 4.11
CA TRP D 147 -3.66 30.67 5.42
C TRP D 147 -2.74 31.00 6.58
N GLU D 148 -1.44 30.77 6.41
CA GLU D 148 -0.43 31.13 7.41
C GLU D 148 -0.32 32.64 7.52
N GLN D 149 -0.38 33.32 6.38
CA GLN D 149 -0.31 34.78 6.31
C GLN D 149 -1.58 35.42 6.89
N ALA D 150 -2.73 34.82 6.62
CA ALA D 150 -4.02 35.37 7.06
C ALA D 150 -4.36 35.05 8.52
N GLY D 151 -3.53 34.22 9.16
CA GLY D 151 -3.78 33.79 10.53
C GLY D 151 -5.07 32.98 10.64
N GLU D 152 -5.29 32.13 9.64
CA GLU D 152 -6.50 31.30 9.57
C GLU D 152 -6.59 30.28 10.71
N ALA D 153 -5.44 29.76 11.14
CA ALA D 153 -5.39 28.80 12.24
C ALA D 153 -5.98 29.32 13.55
N GLU D 154 -5.68 30.57 13.91
CA GLU D 154 -6.23 31.18 15.14
C GLU D 154 -7.73 31.42 15.03
N ARG D 155 -8.15 31.88 13.85
CA ARG D 155 -9.56 32.06 13.51
C ARG D 155 -10.33 30.73 13.59
N LEU D 156 -9.73 29.67 13.06
CA LEU D 156 -10.31 28.33 13.12
C LEU D 156 -10.31 27.77 14.54
N ARG D 157 -9.24 28.03 15.29
CA ARG D 157 -9.12 27.60 16.69
C ARG D 157 -10.23 28.20 17.54
N ALA D 158 -10.50 29.49 17.35
CA ALA D 158 -11.58 30.17 18.08
C ALA D 158 -12.93 29.49 17.87
N TYR D 159 -13.20 29.09 16.63
CA TYR D 159 -14.41 28.35 16.27
C TYR D 159 -14.48 27.02 17.01
N LEU D 160 -13.45 26.19 16.86
CA LEU D 160 -13.54 24.83 17.37
C LEU D 160 -13.32 24.69 18.88
N GLU D 161 -12.57 25.62 19.47
CA GLU D 161 -12.43 25.68 20.93
C GLU D 161 -13.63 26.36 21.60
N GLY D 162 -14.22 27.33 20.90
CA GLY D 162 -15.31 28.12 21.45
C GLY D 162 -16.66 27.80 20.84
N THR D 163 -16.94 28.44 19.70
CA THR D 163 -18.20 28.26 18.95
C THR D 163 -18.65 26.79 18.84
N CYS D 164 -17.77 25.94 18.33
CA CYS D 164 -18.05 24.51 18.16
C CYS D 164 -18.48 23.86 19.48
N VAL D 165 -17.67 24.10 20.53
CA VAL D 165 -17.87 23.51 21.84
C VAL D 165 -19.16 23.97 22.53
N GLU D 166 -19.45 25.27 22.44
CA GLU D 166 -20.64 25.84 23.07
C GLU D 166 -21.91 25.43 22.34
N TRP D 167 -21.86 25.39 21.01
CA TRP D 167 -22.98 24.93 20.22
C TRP D 167 -23.25 23.44 20.37
N LEU D 168 -22.19 22.64 20.50
CA LEU D 168 -22.35 21.20 20.73
C LEU D 168 -23.07 20.96 22.05
N ARG D 169 -22.53 21.56 23.12
CA ARG D 169 -23.13 21.54 24.45
C ARG D 169 -24.63 21.81 24.34
N ARG D 170 -24.99 22.85 23.59
CA ARG D 170 -26.38 23.21 23.35
C ARG D 170 -27.18 22.13 22.62
N TYR D 171 -26.59 21.55 21.57
CA TYR D 171 -27.25 20.50 20.78
C TYR D 171 -27.49 19.26 21.62
N LEU D 172 -26.48 18.88 22.42
CA LEU D 172 -26.58 17.72 23.30
C LEU D 172 -27.71 17.86 24.32
N LYS D 173 -27.93 19.09 24.80
CA LYS D 173 -29.05 19.39 25.70
C LYS D 173 -30.39 19.03 25.09
N ASN D 174 -30.65 19.52 23.88
CA ASN D 174 -31.91 19.28 23.19
C ASN D 174 -32.03 17.87 22.61
N GLY D 175 -30.88 17.26 22.32
CA GLY D 175 -30.83 15.97 21.64
C GLY D 175 -30.54 14.74 22.47
N ASN D 176 -30.02 14.95 23.69
CA ASN D 176 -29.60 13.86 24.59
C ASN D 176 -30.57 12.68 24.66
N ALA D 177 -31.85 12.97 24.90
CA ALA D 177 -32.88 11.95 25.06
C ALA D 177 -33.04 11.07 23.81
N THR D 178 -32.94 11.68 22.64
CA THR D 178 -33.03 10.97 21.37
C THR D 178 -31.74 10.21 21.09
N LEU D 179 -30.62 10.90 21.31
CA LEU D 179 -29.28 10.38 21.04
C LEU D 179 -28.91 9.12 21.85
N LEU D 180 -29.37 9.04 23.09
CA LEU D 180 -29.01 7.92 23.96
C LEU D 180 -29.76 6.63 23.61
N ARG D 181 -30.78 6.73 22.77
CA ARG D 181 -31.62 5.58 22.47
C ARG D 181 -30.88 4.49 21.70
N THR D 182 -31.10 3.26 22.11
CA THR D 182 -30.42 2.12 21.51
C THR D 182 -31.44 1.06 21.13
N ASP D 183 -31.09 0.24 20.16
CA ASP D 183 -31.90 -0.92 19.79
C ASP D 183 -31.00 -2.14 19.90
N SER D 184 -31.40 -3.12 20.69
CA SER D 184 -30.60 -4.31 20.91
C SER D 184 -30.71 -5.26 19.72
N PRO D 185 -29.59 -5.94 19.40
CA PRO D 185 -29.68 -6.93 18.36
C PRO D 185 -30.54 -8.11 18.79
N LYS D 186 -31.25 -8.68 17.82
CA LYS D 186 -31.86 -10.00 17.94
C LYS D 186 -31.01 -10.92 17.08
N ALA D 187 -30.63 -12.07 17.62
CA ALA D 187 -29.71 -12.96 16.93
C ALA D 187 -30.33 -14.33 16.66
N HIS D 188 -29.90 -14.97 15.57
CA HIS D 188 -30.28 -16.37 15.30
C HIS D 188 -29.19 -17.01 14.46
N VAL D 189 -29.13 -18.33 14.49
CA VAL D 189 -28.14 -19.06 13.73
C VAL D 189 -28.81 -19.85 12.61
N THR D 190 -28.28 -19.69 11.39
CA THR D 190 -28.72 -20.48 10.24
C THR D 190 -27.66 -21.52 9.85
N HIS D 191 -28.13 -22.59 9.18
CA HIS D 191 -27.35 -23.78 8.87
C HIS D 191 -27.36 -24.00 7.36
N HIS D 192 -26.19 -24.16 6.76
CA HIS D 192 -26.07 -24.26 5.30
C HIS D 192 -25.09 -25.36 4.90
N SER D 193 -25.37 -26.06 3.79
CA SER D 193 -24.51 -27.13 3.33
C SER D 193 -23.20 -26.64 2.72
N ARG D 194 -22.15 -27.43 2.87
CA ARG D 194 -20.90 -27.24 2.15
C ARG D 194 -20.62 -28.54 1.40
N PRO D 195 -19.65 -28.56 0.47
CA PRO D 195 -19.30 -29.85 -0.12
C PRO D 195 -18.73 -30.83 0.92
N GLU D 196 -18.85 -32.12 0.61
CA GLU D 196 -18.43 -33.21 1.50
C GLU D 196 -19.03 -33.06 2.90
N ASP D 197 -18.21 -33.27 3.93
CA ASP D 197 -18.67 -33.41 5.31
C ASP D 197 -18.54 -32.13 6.12
N LYS D 198 -18.81 -30.99 5.47
CA LYS D 198 -18.76 -29.69 6.14
C LYS D 198 -20.09 -28.95 6.04
N VAL D 199 -20.33 -28.04 6.98
CA VAL D 199 -21.53 -27.20 6.96
C VAL D 199 -21.14 -25.77 7.35
N THR D 200 -21.98 -24.81 6.96
CA THR D 200 -21.76 -23.43 7.36
C THR D 200 -22.76 -23.06 8.45
N LEU D 201 -22.25 -22.48 9.54
CA LEU D 201 -23.11 -21.89 10.55
C LEU D 201 -22.97 -20.39 10.41
N ARG D 202 -24.11 -19.70 10.31
CA ARG D 202 -24.09 -18.26 10.09
C ARG D 202 -24.86 -17.59 11.22
N CYS D 203 -24.15 -16.77 11.99
CA CYS D 203 -24.76 -16.07 13.11
C CYS D 203 -25.18 -14.66 12.69
N TRP D 204 -26.48 -14.39 12.85
CA TRP D 204 -27.10 -13.14 12.40
C TRP D 204 -27.44 -12.24 13.58
N ALA D 205 -27.10 -10.96 13.47
CA ALA D 205 -27.60 -9.95 14.39
C ALA D 205 -28.41 -8.92 13.60
N LEU D 206 -29.64 -8.70 14.03
CA LEU D 206 -30.60 -7.88 13.30
C LEU D 206 -31.26 -6.84 14.21
N GLY D 207 -31.63 -5.70 13.63
CA GLY D 207 -32.50 -4.73 14.31
C GLY D 207 -31.77 -3.88 15.35
N PHE D 208 -30.44 -3.77 15.22
CA PHE D 208 -29.63 -3.09 16.24
C PHE D 208 -29.26 -1.65 15.89
N TYR D 209 -29.08 -0.84 16.93
CA TYR D 209 -28.63 0.54 16.81
C TYR D 209 -28.00 0.96 18.14
N PRO D 210 -26.87 1.68 18.09
CA PRO D 210 -26.13 2.03 16.85
C PRO D 210 -25.38 0.88 16.19
N ALA D 211 -24.65 1.21 15.12
CA ALA D 211 -24.08 0.18 14.24
C ALA D 211 -22.93 -0.61 14.87
N ASP D 212 -22.24 -0.02 15.84
CA ASP D 212 -21.12 -0.69 16.50
C ASP D 212 -21.57 -2.01 17.12
N ILE D 213 -20.94 -3.10 16.67
CA ILE D 213 -21.27 -4.46 17.13
C ILE D 213 -20.08 -5.38 16.91
N THR D 214 -20.03 -6.48 17.68
CA THR D 214 -19.05 -7.53 17.48
C THR D 214 -19.76 -8.88 17.57
N LEU D 215 -19.47 -9.71 16.57
CA LEU D 215 -19.92 -11.11 16.51
C LEU D 215 -18.68 -11.98 16.52
N THR D 216 -18.67 -13.02 17.34
CA THR D 216 -17.56 -13.97 17.34
C THR D 216 -18.13 -15.39 17.35
N TRP D 217 -17.31 -16.34 16.93
CA TRP D 217 -17.65 -17.75 17.06
C TRP D 217 -16.63 -18.39 17.98
N GLN D 218 -17.10 -19.27 18.87
CA GLN D 218 -16.20 -19.99 19.78
C GLN D 218 -16.31 -21.50 19.59
N LEU D 219 -15.18 -22.17 19.71
CA LEU D 219 -15.13 -23.63 19.81
C LEU D 219 -14.51 -23.96 21.17
N ASN D 220 -15.31 -24.57 22.04
CA ASN D 220 -14.86 -24.92 23.39
C ASN D 220 -14.10 -23.76 24.09
N GLY D 221 -14.74 -22.60 24.17
CA GLY D 221 -14.22 -21.46 24.94
C GLY D 221 -13.20 -20.57 24.26
N GLU D 222 -12.74 -20.98 23.08
CA GLU D 222 -11.76 -20.18 22.35
C GLU D 222 -12.42 -19.61 21.08
N GLU D 223 -12.40 -18.29 20.96
CA GLU D 223 -12.97 -17.64 19.78
C GLU D 223 -12.12 -17.87 18.54
N LEU D 224 -12.78 -18.25 17.46
CA LEU D 224 -12.12 -18.64 16.22
C LEU D 224 -11.52 -17.43 15.51
N ILE D 225 -10.26 -17.14 15.84
CA ILE D 225 -9.51 -15.98 15.31
C ILE D 225 -9.31 -16.04 13.79
N GLN D 226 -9.64 -17.18 13.19
CA GLN D 226 -9.44 -17.41 11.77
C GLN D 226 -10.59 -18.19 11.15
N ASP D 227 -10.65 -18.22 9.81
CA ASP D 227 -11.61 -19.02 9.04
C ASP D 227 -13.08 -18.58 9.18
N MET D 228 -13.28 -17.43 9.82
CA MET D 228 -14.61 -16.86 9.98
C MET D 228 -14.83 -15.85 8.85
N GLU D 229 -15.96 -16.01 8.14
CA GLU D 229 -16.40 -15.04 7.14
C GLU D 229 -17.34 -14.05 7.81
N LEU D 230 -17.24 -12.78 7.43
CA LEU D 230 -18.21 -11.81 7.93
C LEU D 230 -18.47 -10.73 6.90
N VAL D 231 -19.63 -10.09 7.01
CA VAL D 231 -19.95 -8.96 6.16
C VAL D 231 -19.78 -7.66 6.93
N GLU D 232 -19.55 -6.58 6.19
CA GLU D 232 -19.56 -5.25 6.76
C GLU D 232 -20.97 -4.98 7.29
N THR D 233 -21.02 -4.28 8.42
CA THR D 233 -22.30 -3.91 9.04
C THR D 233 -23.06 -3.03 8.06
N ARG D 234 -24.37 -3.27 7.92
CA ARG D 234 -25.16 -2.66 6.83
C ARG D 234 -26.53 -2.19 7.34
N PRO D 235 -27.01 -1.06 6.80
CA PRO D 235 -28.29 -0.48 7.20
C PRO D 235 -29.47 -1.32 6.73
N ALA D 236 -30.45 -1.54 7.60
CA ALA D 236 -31.65 -2.24 7.20
C ALA D 236 -32.55 -1.30 6.41
N GLY D 237 -32.30 0.01 6.55
CA GLY D 237 -33.06 1.04 5.86
C GLY D 237 -34.14 1.69 6.70
N ASP D 238 -34.33 1.15 7.91
CA ASP D 238 -35.31 1.65 8.87
C ASP D 238 -34.66 2.31 10.09
N GLY D 239 -33.38 2.64 9.97
CA GLY D 239 -32.62 3.23 11.07
C GLY D 239 -31.82 2.22 11.88
N THR D 240 -32.08 0.93 11.68
CA THR D 240 -31.32 -0.14 12.35
C THR D 240 -30.30 -0.83 11.43
N PHE D 241 -29.45 -1.67 12.02
CA PHE D 241 -28.35 -2.32 11.30
C PHE D 241 -28.40 -3.84 11.36
N GLN D 242 -27.62 -4.47 10.48
CA GLN D 242 -27.52 -5.92 10.35
C GLN D 242 -26.06 -6.31 10.23
N LYS D 243 -25.75 -7.51 10.68
CA LYS D 243 -24.43 -8.08 10.44
C LYS D 243 -24.53 -9.60 10.59
N TRP D 244 -23.64 -10.31 9.91
CA TRP D 244 -23.49 -11.73 10.15
C TRP D 244 -22.03 -12.17 10.16
N ALA D 245 -21.78 -13.30 10.84
CA ALA D 245 -20.49 -13.91 10.91
C ALA D 245 -20.72 -15.41 10.71
N SER D 246 -19.91 -16.05 9.87
CA SER D 246 -20.11 -17.48 9.62
C SER D 246 -18.84 -18.28 9.79
N VAL D 247 -19.00 -19.55 10.13
CA VAL D 247 -17.88 -20.47 10.22
C VAL D 247 -18.25 -21.76 9.52
N VAL D 248 -17.23 -22.45 9.00
CA VAL D 248 -17.38 -23.77 8.39
C VAL D 248 -16.94 -24.80 9.43
N VAL D 249 -17.80 -25.78 9.71
CA VAL D 249 -17.55 -26.75 10.76
C VAL D 249 -17.77 -28.18 10.23
N PRO D 250 -17.25 -29.20 10.95
CA PRO D 250 -17.58 -30.57 10.57
C PRO D 250 -19.08 -30.90 10.72
N LEU D 251 -19.59 -31.63 9.75
CA LEU D 251 -20.94 -32.17 9.83
C LEU D 251 -21.06 -33.06 11.07
N GLY D 252 -22.08 -32.82 11.88
CA GLY D 252 -22.26 -33.54 13.14
C GLY D 252 -21.60 -32.92 14.37
N LYS D 253 -20.87 -31.82 14.20
CA LYS D 253 -20.20 -31.15 15.31
C LYS D 253 -20.75 -29.74 15.57
N GLU D 254 -21.87 -29.40 14.93
CA GLU D 254 -22.48 -28.05 15.05
C GLU D 254 -22.67 -27.61 16.51
N GLN D 255 -23.05 -28.54 17.39
CA GLN D 255 -23.30 -28.19 18.78
C GLN D 255 -22.05 -27.80 19.59
N TYR D 256 -20.86 -28.01 19.02
CA TYR D 256 -19.61 -27.64 19.68
C TYR D 256 -19.33 -26.13 19.56
N TYR D 257 -20.10 -25.44 18.74
CA TYR D 257 -19.83 -24.03 18.41
C TYR D 257 -20.88 -23.10 18.97
N THR D 258 -20.41 -21.96 19.49
CA THR D 258 -21.30 -20.92 20.02
C THR D 258 -20.98 -19.56 19.41
N CYS D 259 -22.03 -18.81 19.11
CA CYS D 259 -21.90 -17.45 18.61
C CYS D 259 -22.05 -16.50 19.77
N HIS D 260 -21.25 -15.43 19.78
CA HIS D 260 -21.36 -14.42 20.82
C HIS D 260 -21.60 -13.07 20.16
N VAL D 261 -22.62 -12.36 20.65
CA VAL D 261 -23.01 -11.04 20.12
C VAL D 261 -22.80 -9.95 21.18
N TYR D 262 -22.00 -8.94 20.86
CA TYR D 262 -21.65 -7.89 21.84
C TYR D 262 -22.15 -6.55 21.33
N HIS D 263 -23.07 -5.95 22.09
CA HIS D 263 -23.65 -4.67 21.72
C HIS D 263 -24.03 -3.86 22.96
N GLN D 264 -23.81 -2.55 22.87
CA GLN D 264 -24.02 -1.62 23.99
C GLN D 264 -25.46 -1.63 24.52
N GLY D 265 -26.41 -2.01 23.66
CA GLY D 265 -27.83 -2.03 24.07
C GLY D 265 -28.19 -3.21 24.96
N LEU D 266 -27.35 -4.23 24.95
CA LEU D 266 -27.66 -5.50 25.62
C LEU D 266 -27.30 -5.43 27.11
N PRO D 267 -28.14 -6.02 27.99
CA PRO D 267 -27.75 -6.15 29.40
C PRO D 267 -26.48 -6.98 29.59
N GLU D 268 -26.27 -7.94 28.69
CA GLU D 268 -25.06 -8.74 28.63
C GLU D 268 -24.96 -9.38 27.24
N PRO D 269 -23.76 -9.86 26.84
CA PRO D 269 -23.61 -10.46 25.51
C PRO D 269 -24.55 -11.65 25.29
N LEU D 270 -25.03 -11.79 24.05
CA LEU D 270 -25.82 -12.94 23.66
C LEU D 270 -24.91 -14.12 23.39
N THR D 271 -25.33 -15.30 23.83
CA THR D 271 -24.70 -16.57 23.48
C THR D 271 -25.74 -17.43 22.78
N LEU D 272 -25.41 -17.91 21.59
CA LEU D 272 -26.34 -18.74 20.81
C LEU D 272 -25.65 -19.89 20.11
N ARG D 273 -26.44 -20.92 19.80
CA ARG D 273 -25.99 -22.02 18.97
C ARG D 273 -27.01 -22.40 17.90
N TRP D 274 -26.55 -23.19 16.94
CA TRP D 274 -27.46 -23.79 15.95
C TRP D 274 -28.50 -24.61 16.71
N GLU D 275 -29.77 -24.30 16.47
CA GLU D 275 -30.88 -25.01 17.10
C GLU D 275 -31.64 -25.80 16.04
N PRO D 276 -31.35 -27.11 15.92
CA PRO D 276 -32.11 -27.90 14.97
C PRO D 276 -33.56 -28.04 15.45
N PRO D 277 -34.53 -27.66 14.59
CA PRO D 277 -35.94 -27.90 14.92
C PRO D 277 -36.16 -29.37 15.29
N PRO D 278 -36.70 -29.64 16.50
CA PRO D 278 -36.81 -31.02 16.98
C PRO D 278 -37.99 -31.73 16.33
N SER D 279 -39.11 -31.22 16.34
N SER E 1 -23.11 24.62 14.76
CA SER E 1 -23.06 25.84 13.92
C SER E 1 -21.93 25.69 12.90
N GLN E 2 -22.21 26.03 11.64
CA GLN E 2 -21.21 25.86 10.58
C GLN E 2 -20.07 26.86 10.73
N TYR E 3 -18.85 26.41 10.49
CA TYR E 3 -17.70 27.28 10.32
C TYR E 3 -17.85 27.98 8.97
N TYR E 4 -17.53 29.27 8.91
CA TYR E 4 -17.48 29.93 7.61
C TYR E 4 -16.09 29.73 7.00
N TYR E 5 -16.02 28.91 5.97
CA TYR E 5 -14.76 28.46 5.41
C TYR E 5 -14.01 29.56 4.67
N ASN E 6 -12.68 29.53 4.78
CA ASN E 6 -11.80 30.40 4.01
C ASN E 6 -11.61 29.84 2.61
N SER E 7 -10.95 30.60 1.74
CA SER E 7 -10.71 30.20 0.36
C SER E 7 -9.38 29.48 0.22
N LEU E 8 -9.34 28.55 -0.73
CA LEU E 8 -8.12 27.78 -1.01
C LEU E 8 -7.13 28.56 -1.89
N ILE F 1 -7.28 9.63 -8.31
CA ILE F 1 -7.17 8.16 -8.10
C ILE F 1 -8.52 7.60 -7.63
N GLN F 2 -9.14 6.77 -8.46
CA GLN F 2 -10.55 6.37 -8.27
C GLN F 2 -10.79 5.11 -7.44
N LYS F 3 -11.85 5.15 -6.64
CA LYS F 3 -12.19 4.07 -5.71
C LYS F 3 -13.34 3.24 -6.26
N THR F 4 -13.14 1.92 -6.34
CA THR F 4 -14.15 0.97 -6.84
C THR F 4 -15.24 0.66 -5.79
N PRO F 5 -16.52 0.70 -6.22
CA PRO F 5 -17.65 0.44 -5.31
C PRO F 5 -17.68 -0.98 -4.73
N GLN F 6 -17.98 -1.09 -3.45
CA GLN F 6 -18.34 -2.37 -2.82
C GLN F 6 -19.86 -2.43 -2.76
N ILE F 7 -20.44 -3.61 -2.97
CA ILE F 7 -21.90 -3.76 -3.05
C ILE F 7 -22.38 -4.89 -2.14
N GLN F 8 -23.45 -4.64 -1.41
CA GLN F 8 -24.15 -5.72 -0.72
C GLN F 8 -25.61 -5.65 -1.11
N VAL F 9 -26.17 -6.79 -1.48
CA VAL F 9 -27.59 -6.93 -1.80
C VAL F 9 -28.27 -7.83 -0.77
N TYR F 10 -29.35 -7.35 -0.18
CA TYR F 10 -29.92 -8.03 0.99
C TYR F 10 -31.29 -7.47 1.32
N SER F 11 -32.12 -8.29 1.98
CA SER F 11 -33.45 -7.86 2.38
C SER F 11 -33.43 -7.20 3.75
N ARG F 12 -34.40 -6.30 3.97
CA ARG F 12 -34.54 -5.63 5.25
C ARG F 12 -34.97 -6.62 6.32
N HIS F 13 -35.93 -7.47 5.99
CA HIS F 13 -36.43 -8.47 6.90
C HIS F 13 -36.06 -9.86 6.37
N PRO F 14 -35.98 -10.87 7.26
CA PRO F 14 -35.73 -12.24 6.81
C PRO F 14 -36.75 -12.61 5.75
N PRO F 15 -36.28 -13.10 4.58
CA PRO F 15 -37.19 -13.36 3.49
C PRO F 15 -38.11 -14.56 3.72
N GLU F 16 -39.40 -14.36 3.49
CA GLU F 16 -40.38 -15.45 3.46
C GLU F 16 -41.15 -15.33 2.15
N ASN F 17 -41.12 -16.41 1.37
CA ASN F 17 -41.82 -16.41 0.08
C ASN F 17 -43.27 -15.99 0.29
N GLY F 18 -43.75 -15.09 -0.59
CA GLY F 18 -45.13 -14.61 -0.52
C GLY F 18 -45.38 -13.41 0.38
N LYS F 19 -44.39 -13.02 1.18
CA LYS F 19 -44.56 -11.88 2.10
C LYS F 19 -43.78 -10.64 1.65
N PRO F 20 -44.47 -9.47 1.56
CA PRO F 20 -43.81 -8.23 1.16
C PRO F 20 -42.59 -7.90 2.03
N ASN F 21 -41.57 -7.32 1.40
CA ASN F 21 -40.28 -7.04 2.03
C ASN F 21 -39.66 -5.86 1.30
N ILE F 22 -38.42 -5.51 1.66
CA ILE F 22 -37.67 -4.46 1.00
C ILE F 22 -36.33 -5.07 0.62
N LEU F 23 -35.94 -4.94 -0.64
CA LEU F 23 -34.61 -5.35 -1.07
C LEU F 23 -33.70 -4.13 -1.06
N ASN F 24 -32.54 -4.28 -0.44
CA ASN F 24 -31.56 -3.22 -0.35
C ASN F 24 -30.35 -3.50 -1.23
N CYS F 25 -29.81 -2.43 -1.78
CA CYS F 25 -28.51 -2.43 -2.45
C CYS F 25 -27.66 -1.34 -1.81
N TYR F 26 -26.71 -1.76 -0.97
CA TYR F 26 -25.86 -0.86 -0.22
C TYR F 26 -24.54 -0.75 -0.95
N VAL F 27 -24.23 0.45 -1.41
CA VAL F 27 -23.03 0.67 -2.22
C VAL F 27 -22.06 1.61 -1.51
N THR F 28 -20.81 1.19 -1.38
CA THR F 28 -19.87 1.93 -0.55
C THR F 28 -18.51 2.02 -1.20
N GLN F 29 -17.63 2.81 -0.58
CA GLN F 29 -16.22 2.88 -0.96
C GLN F 29 -15.94 3.40 -2.37
N PHE F 30 -16.83 4.26 -2.89
CA PHE F 30 -16.64 4.77 -4.26
C PHE F 30 -16.27 6.26 -4.35
N HIS F 31 -15.52 6.61 -5.40
CA HIS F 31 -15.12 7.98 -5.67
C HIS F 31 -14.70 7.98 -7.15
N PRO F 32 -15.22 8.92 -7.96
CA PRO F 32 -16.05 10.10 -7.68
C PRO F 32 -17.48 9.75 -7.28
N PRO F 33 -18.24 10.74 -6.77
CA PRO F 33 -19.61 10.53 -6.29
C PRO F 33 -20.66 10.15 -7.34
N HIS F 34 -20.44 10.50 -8.62
CA HIS F 34 -21.39 10.10 -9.65
C HIS F 34 -21.42 8.59 -9.80
N ILE F 35 -22.62 8.04 -9.72
CA ILE F 35 -22.82 6.59 -9.79
C ILE F 35 -24.21 6.33 -10.35
N GLU F 36 -24.38 5.19 -11.01
CA GLU F 36 -25.69 4.79 -11.50
C GLU F 36 -26.04 3.41 -10.98
N ILE F 37 -27.18 3.30 -10.32
CA ILE F 37 -27.58 2.05 -9.65
C ILE F 37 -28.94 1.61 -10.15
N GLN F 38 -29.02 0.39 -10.66
CA GLN F 38 -30.33 -0.20 -10.98
C GLN F 38 -30.48 -1.52 -10.26
N MET F 39 -31.72 -1.85 -9.96
CA MET F 39 -32.01 -3.15 -9.38
C MET F 39 -32.77 -3.94 -10.41
N LEU F 40 -32.58 -5.25 -10.39
CA LEU F 40 -33.04 -6.10 -11.49
C LEU F 40 -33.81 -7.29 -10.97
N LYS F 41 -34.90 -7.62 -11.66
CA LYS F 41 -35.69 -8.78 -11.33
C LYS F 41 -35.73 -9.68 -12.55
N ASN F 42 -35.14 -10.87 -12.41
CA ASN F 42 -35.04 -11.82 -13.52
C ASN F 42 -34.38 -11.21 -14.77
N GLY F 43 -33.40 -10.35 -14.53
CA GLY F 43 -32.62 -9.70 -15.58
C GLY F 43 -33.22 -8.41 -16.10
N LYS F 44 -34.39 -8.03 -15.58
CA LYS F 44 -35.11 -6.85 -16.07
C LYS F 44 -35.11 -5.71 -15.05
N LYS F 45 -34.88 -4.49 -15.55
CA LYS F 45 -34.80 -3.31 -14.70
C LYS F 45 -36.08 -3.13 -13.86
N ILE F 46 -35.90 -2.88 -12.56
CA ILE F 46 -37.03 -2.63 -11.66
C ILE F 46 -37.31 -1.13 -11.70
N PRO F 47 -38.55 -0.76 -12.12
CA PRO F 47 -38.95 0.64 -12.30
C PRO F 47 -38.79 1.52 -11.04
N LYS F 48 -39.35 1.09 -9.92
CA LYS F 48 -39.44 1.95 -8.75
C LYS F 48 -38.37 1.63 -7.69
N VAL F 49 -37.20 2.26 -7.84
CA VAL F 49 -36.10 2.11 -6.88
C VAL F 49 -35.84 3.46 -6.19
N GLU F 50 -35.96 3.47 -4.87
CA GLU F 50 -35.72 4.67 -4.07
C GLU F 50 -34.24 4.75 -3.70
N MET F 51 -33.73 5.97 -3.55
CA MET F 51 -32.32 6.20 -3.24
C MET F 51 -32.18 7.05 -2.00
N SER F 52 -31.32 6.63 -1.07
CA SER F 52 -30.97 7.48 0.06
C SER F 52 -30.16 8.71 -0.39
N ASP F 53 -30.01 9.70 0.50
CA ASP F 53 -29.04 10.76 0.28
C ASP F 53 -27.68 10.09 0.19
N MET F 54 -26.78 10.67 -0.59
CA MET F 54 -25.42 10.17 -0.60
C MET F 54 -24.63 10.86 0.53
N SER F 55 -23.78 10.09 1.17
CA SER F 55 -22.93 10.61 2.23
C SER F 55 -21.50 10.19 1.92
N PHE F 56 -20.55 10.68 2.71
CA PHE F 56 -19.20 10.15 2.61
C PHE F 56 -18.62 9.85 3.98
N SER F 57 -17.57 9.05 3.97
CA SER F 57 -16.97 8.63 5.23
C SER F 57 -15.59 9.21 5.42
N LYS F 58 -14.96 8.87 6.54
CA LYS F 58 -13.71 9.46 6.99
C LYS F 58 -12.58 9.28 5.98
N ASP F 59 -12.67 8.24 5.16
CA ASP F 59 -11.65 8.00 4.13
C ASP F 59 -11.98 8.71 2.81
N TRP F 60 -13.01 9.56 2.83
CA TRP F 60 -13.42 10.40 1.68
C TRP F 60 -14.33 9.65 0.69
N SER F 61 -14.44 8.33 0.83
CA SER F 61 -15.30 7.55 -0.05
C SER F 61 -16.78 7.77 0.21
N PHE F 62 -17.55 7.72 -0.86
CA PHE F 62 -18.99 7.93 -0.79
C PHE F 62 -19.75 6.62 -0.57
N TYR F 63 -20.96 6.75 -0.01
CA TYR F 63 -21.84 5.60 0.17
C TYR F 63 -23.30 6.00 0.03
N ILE F 64 -24.12 5.04 -0.34
CA ILE F 64 -25.54 5.27 -0.63
C ILE F 64 -26.35 3.97 -0.53
N LEU F 65 -27.62 4.08 -0.19
CA LEU F 65 -28.48 2.91 -0.11
C LEU F 65 -29.63 3.03 -1.11
N ALA F 66 -29.68 2.07 -2.03
CA ALA F 66 -30.79 1.92 -2.96
C ALA F 66 -31.71 0.85 -2.41
N HIS F 67 -33.01 1.08 -2.54
CA HIS F 67 -33.96 0.07 -2.10
C HIS F 67 -35.22 0.04 -2.97
N THR F 68 -35.88 -1.12 -2.93
CA THR F 68 -37.13 -1.35 -3.66
C THR F 68 -38.01 -2.31 -2.85
N GLU F 69 -39.33 -2.12 -2.92
CA GLU F 69 -40.23 -3.11 -2.32
C GLU F 69 -40.33 -4.33 -3.23
N PHE F 70 -40.40 -5.51 -2.61
CA PHE F 70 -40.47 -6.75 -3.37
C PHE F 70 -41.11 -7.85 -2.55
N THR F 71 -41.61 -8.86 -3.25
CA THR F 71 -42.14 -10.04 -2.61
C THR F 71 -41.36 -11.23 -3.13
N PRO F 72 -40.51 -11.84 -2.27
CA PRO F 72 -39.66 -12.92 -2.73
C PRO F 72 -40.50 -14.13 -3.12
N THR F 73 -39.98 -14.93 -4.05
CA THR F 73 -40.56 -16.24 -4.34
C THR F 73 -39.41 -17.24 -4.35
N GLU F 74 -39.76 -18.51 -4.48
CA GLU F 74 -38.78 -19.57 -4.53
C GLU F 74 -37.77 -19.37 -5.66
N THR F 75 -38.25 -18.89 -6.81
CA THR F 75 -37.47 -18.95 -8.05
C THR F 75 -37.10 -17.59 -8.70
N ASP F 76 -37.74 -16.50 -8.28
CA ASP F 76 -37.37 -15.16 -8.79
C ASP F 76 -35.96 -14.75 -8.36
N THR F 77 -35.21 -14.24 -9.33
CA THR F 77 -33.84 -13.80 -9.10
C THR F 77 -33.79 -12.28 -9.03
N TYR F 78 -33.08 -11.78 -8.02
CA TYR F 78 -32.86 -10.35 -7.89
C TYR F 78 -31.37 -10.00 -7.91
N ALA F 79 -31.07 -8.83 -8.46
CA ALA F 79 -29.71 -8.35 -8.54
C ALA F 79 -29.64 -6.82 -8.46
N CYS F 80 -28.44 -6.32 -8.16
CA CYS F 80 -28.16 -4.88 -8.21
C CYS F 80 -27.00 -4.66 -9.16
N ARG F 81 -27.17 -3.72 -10.10
CA ARG F 81 -26.14 -3.43 -11.08
C ARG F 81 -25.64 -1.99 -10.94
N VAL F 82 -24.32 -1.85 -10.85
CA VAL F 82 -23.71 -0.59 -10.55
C VAL F 82 -22.72 -0.17 -11.63
N LYS F 83 -22.94 1.03 -12.17
CA LYS F 83 -22.06 1.63 -13.16
C LYS F 83 -21.30 2.81 -12.54
N HIS F 84 -19.97 2.72 -12.56
CA HIS F 84 -19.10 3.72 -11.96
C HIS F 84 -17.83 3.83 -12.78
N ASP F 85 -17.29 5.04 -12.88
CA ASP F 85 -16.10 5.31 -13.70
C ASP F 85 -14.84 4.54 -13.31
N SER F 86 -14.81 4.03 -12.08
CA SER F 86 -13.69 3.21 -11.59
C SER F 86 -13.67 1.80 -12.19
N MET F 87 -14.75 1.42 -12.88
CA MET F 87 -14.87 0.09 -13.49
C MET F 87 -15.12 0.17 -14.99
N ALA F 88 -14.46 -0.71 -15.74
CA ALA F 88 -14.60 -0.72 -17.22
C ALA F 88 -16.02 -1.09 -17.69
N GLU F 89 -16.71 -1.90 -16.90
CA GLU F 89 -18.12 -2.26 -17.18
C GLU F 89 -18.92 -2.40 -15.87
N PRO F 90 -20.26 -2.30 -15.94
CA PRO F 90 -21.10 -2.35 -14.75
C PRO F 90 -20.96 -3.65 -13.98
N LYS F 91 -21.05 -3.58 -12.65
CA LYS F 91 -20.95 -4.74 -11.79
C LYS F 91 -22.36 -5.15 -11.39
N THR F 92 -22.70 -6.42 -11.63
CA THR F 92 -23.96 -6.99 -11.20
C THR F 92 -23.74 -7.93 -10.01
N VAL F 93 -24.44 -7.67 -8.91
CA VAL F 93 -24.36 -8.51 -7.71
C VAL F 93 -25.72 -9.12 -7.44
N TYR F 94 -25.75 -10.44 -7.29
CA TYR F 94 -26.99 -11.18 -7.11
C TYR F 94 -27.38 -11.29 -5.65
N TRP F 95 -28.68 -11.16 -5.37
CA TRP F 95 -29.22 -11.45 -4.07
C TRP F 95 -29.14 -12.95 -3.72
N ASP F 96 -28.62 -13.24 -2.53
CA ASP F 96 -28.63 -14.59 -1.99
C ASP F 96 -29.37 -14.53 -0.66
N ARG F 97 -30.49 -15.25 -0.56
CA ARG F 97 -31.37 -15.14 0.60
C ARG F 97 -30.73 -15.60 1.90
N ASP F 98 -29.56 -16.22 1.81
CA ASP F 98 -28.83 -16.74 2.96
C ASP F 98 -27.72 -15.79 3.41
N MET F 99 -27.64 -14.63 2.76
CA MET F 99 -26.53 -13.71 3.00
C MET F 99 -26.94 -12.26 3.18
#